data_2EME
#
_entry.id   2EME
#
loop_
_entity.id
_entity.type
_entity.pdbx_description
1 polymer 'Zinc finger protein 473'
2 non-polymer 'ZINC ION'
#
_entity_poly.entity_id   1
_entity_poly.type   'polypeptide(L)'
_entity_poly.pdbx_seq_one_letter_code
;GSSGSSGSGEKPYVCDYCGKAFGLSAELVRHQRIHTGEKPSGPSSG
;
_entity_poly.pdbx_strand_id   A
#
loop_
_chem_comp.id
_chem_comp.type
_chem_comp.name
_chem_comp.formula
ZN non-polymer 'ZINC ION' 'Zn 2'
#
# COMPACT_ATOMS: atom_id res chain seq x y z
N GLY A 1 18.38 15.64 -2.01
CA GLY A 1 18.18 14.21 -2.04
C GLY A 1 17.98 13.62 -0.65
N SER A 2 16.85 13.93 -0.04
CA SER A 2 16.54 13.43 1.29
C SER A 2 15.99 12.01 1.23
N SER A 3 16.14 11.28 2.33
CA SER A 3 15.67 9.90 2.40
C SER A 3 15.73 9.38 3.83
N GLY A 4 14.93 8.36 4.12
CA GLY A 4 14.91 7.77 5.45
C GLY A 4 13.54 7.83 6.09
N SER A 5 12.82 6.73 6.06
CA SER A 5 11.48 6.66 6.63
C SER A 5 11.34 5.45 7.54
N SER A 6 12.37 5.18 8.34
CA SER A 6 12.36 4.06 9.25
C SER A 6 11.40 4.29 10.41
N GLY A 7 10.43 3.40 10.57
CA GLY A 7 9.46 3.53 11.63
C GLY A 7 8.31 2.54 11.50
N SER A 8 7.80 2.40 10.29
CA SER A 8 6.69 1.49 10.02
C SER A 8 7.16 0.03 10.06
N GLY A 9 6.57 -0.75 10.95
CA GLY A 9 6.95 -2.15 11.06
C GLY A 9 6.04 -3.06 10.25
N GLU A 10 6.41 -4.34 10.18
CA GLU A 10 5.63 -5.31 9.42
C GLU A 10 4.21 -5.42 9.99
N LYS A 11 3.22 -5.14 9.15
CA LYS A 11 1.82 -5.21 9.56
C LYS A 11 1.13 -6.43 8.94
N PRO A 12 0.10 -6.93 9.63
CA PRO A 12 -0.67 -8.10 9.17
C PRO A 12 -1.51 -7.78 7.94
N TYR A 13 -1.81 -6.51 7.75
CA TYR A 13 -2.62 -6.07 6.61
C TYR A 13 -1.76 -5.38 5.57
N VAL A 14 -1.10 -6.18 4.72
CA VAL A 14 -0.24 -5.64 3.67
C VAL A 14 -0.86 -5.88 2.29
N CYS A 15 -0.85 -4.84 1.46
CA CYS A 15 -1.40 -4.93 0.12
C CYS A 15 -0.51 -5.77 -0.78
N ASP A 16 -1.10 -6.38 -1.79
CA ASP A 16 -0.37 -7.23 -2.72
C ASP A 16 -0.10 -6.48 -4.03
N TYR A 17 -1.08 -5.71 -4.49
CA TYR A 17 -0.94 -4.95 -5.72
C TYR A 17 0.43 -4.27 -5.80
N CYS A 18 0.70 -3.40 -4.84
CA CYS A 18 1.97 -2.68 -4.80
C CYS A 18 2.91 -3.30 -3.76
N GLY A 19 2.37 -3.60 -2.59
CA GLY A 19 3.18 -4.20 -1.54
C GLY A 19 3.34 -3.27 -0.34
N LYS A 20 2.28 -2.55 -0.01
CA LYS A 20 2.32 -1.62 1.12
C LYS A 20 1.87 -2.31 2.40
N ALA A 21 2.39 -1.84 3.52
CA ALA A 21 2.04 -2.41 4.83
C ALA A 21 1.10 -1.49 5.60
N PHE A 22 0.09 -2.07 6.22
CA PHE A 22 -0.88 -1.29 6.99
C PHE A 22 -1.23 -2.00 8.30
N GLY A 23 -1.18 -1.25 9.39
CA GLY A 23 -1.49 -1.83 10.69
C GLY A 23 -2.96 -2.11 10.86
N LEU A 24 -3.81 -1.21 10.38
CA LEU A 24 -5.25 -1.38 10.48
C LEU A 24 -5.86 -1.65 9.11
N SER A 25 -6.84 -2.54 9.06
CA SER A 25 -7.50 -2.89 7.82
C SER A 25 -8.01 -1.64 7.10
N ALA A 26 -8.65 -0.75 7.85
CA ALA A 26 -9.17 0.49 7.29
C ALA A 26 -8.13 1.19 6.44
N GLU A 27 -6.91 1.26 6.94
CA GLU A 27 -5.81 1.91 6.23
C GLU A 27 -5.50 1.17 4.92
N LEU A 28 -5.63 -0.15 4.95
CA LEU A 28 -5.37 -0.97 3.77
C LEU A 28 -6.45 -0.77 2.73
N VAL A 29 -7.71 -0.79 3.15
CA VAL A 29 -8.84 -0.61 2.25
C VAL A 29 -8.77 0.74 1.56
N ARG A 30 -8.76 1.81 2.35
CA ARG A 30 -8.70 3.17 1.81
C ARG A 30 -7.53 3.31 0.83
N HIS A 31 -6.46 2.58 1.08
CA HIS A 31 -5.28 2.61 0.22
C HIS A 31 -5.58 1.99 -1.14
N GLN A 32 -6.07 0.76 -1.12
CA GLN A 32 -6.40 0.05 -2.36
C GLN A 32 -7.06 0.99 -3.37
N ARG A 33 -7.68 2.04 -2.87
CA ARG A 33 -8.35 3.01 -3.73
C ARG A 33 -7.44 3.42 -4.88
N ILE A 34 -6.19 3.75 -4.56
CA ILE A 34 -5.22 4.17 -5.56
C ILE A 34 -5.19 3.17 -6.73
N HIS A 35 -5.47 1.91 -6.43
CA HIS A 35 -5.48 0.87 -7.45
C HIS A 35 -6.79 0.87 -8.23
N THR A 36 -7.86 1.31 -7.57
CA THR A 36 -9.18 1.36 -8.20
C THR A 36 -9.64 2.80 -8.40
N GLY A 37 -9.41 3.33 -9.60
CA GLY A 37 -9.81 4.69 -9.89
C GLY A 37 -10.95 4.76 -10.88
N GLU A 38 -12.14 5.11 -10.40
CA GLU A 38 -13.32 5.22 -11.26
C GLU A 38 -14.26 6.30 -10.76
N LYS A 39 -14.88 7.01 -11.70
CA LYS A 39 -15.81 8.08 -11.35
C LYS A 39 -15.18 9.04 -10.35
N PRO A 40 -14.00 9.58 -10.71
CA PRO A 40 -13.28 10.52 -9.86
C PRO A 40 -13.97 11.88 -9.78
N SER A 41 -14.77 12.06 -8.72
CA SER A 41 -15.49 13.31 -8.53
C SER A 41 -14.62 14.35 -7.82
N GLY A 42 -13.85 15.10 -8.60
CA GLY A 42 -12.98 16.11 -8.03
C GLY A 42 -11.51 15.88 -8.36
N PRO A 43 -10.75 16.98 -8.52
CA PRO A 43 -9.34 16.91 -8.86
C PRO A 43 -8.50 16.39 -7.69
N SER A 44 -8.33 15.07 -7.63
CA SER A 44 -7.56 14.44 -6.58
C SER A 44 -6.97 13.10 -7.04
N SER A 45 -5.67 13.09 -7.31
CA SER A 45 -4.99 11.89 -7.77
C SER A 45 -3.49 12.11 -7.84
N GLY A 46 -2.74 11.32 -7.06
CA GLY A 46 -1.30 11.44 -7.06
C GLY A 46 -0.62 10.25 -6.40
ZN ZN B . -1.43 -1.31 -2.94
N GLY A 1 16.25 4.51 -4.02
CA GLY A 1 15.88 3.15 -3.67
C GLY A 1 16.67 2.62 -2.49
N SER A 2 15.96 2.23 -1.44
CA SER A 2 16.61 1.70 -0.24
C SER A 2 16.11 0.29 0.08
N SER A 3 16.96 -0.70 -0.15
CA SER A 3 16.61 -2.09 0.09
C SER A 3 17.33 -2.63 1.32
N GLY A 4 16.66 -2.56 2.47
CA GLY A 4 17.26 -3.04 3.71
C GLY A 4 16.43 -4.11 4.38
N SER A 5 17.03 -4.82 5.33
CA SER A 5 16.34 -5.89 6.04
C SER A 5 15.08 -5.35 6.72
N SER A 6 13.92 -5.91 6.37
CA SER A 6 12.66 -5.48 6.94
C SER A 6 12.76 -5.36 8.45
N GLY A 7 13.37 -6.36 9.08
CA GLY A 7 13.52 -6.34 10.53
C GLY A 7 12.23 -6.02 11.24
N SER A 8 12.34 -5.46 12.45
CA SER A 8 11.16 -5.12 13.25
C SER A 8 10.23 -4.21 12.46
N GLY A 9 9.19 -4.80 11.88
CA GLY A 9 8.23 -4.03 11.12
C GLY A 9 7.29 -4.90 10.30
N GLU A 10 6.49 -5.71 11.00
CA GLU A 10 5.55 -6.61 10.34
C GLU A 10 4.11 -6.17 10.59
N LYS A 11 3.26 -6.34 9.60
CA LYS A 11 1.85 -5.97 9.71
C LYS A 11 0.96 -6.97 9.00
N PRO A 12 -0.23 -7.23 9.57
CA PRO A 12 -1.20 -8.17 9.01
C PRO A 12 -1.82 -7.65 7.71
N TYR A 13 -2.09 -6.35 7.67
CA TYR A 13 -2.69 -5.73 6.50
C TYR A 13 -1.62 -5.20 5.55
N VAL A 14 -1.40 -5.92 4.45
CA VAL A 14 -0.41 -5.53 3.46
C VAL A 14 -0.95 -5.67 2.05
N CYS A 15 -0.96 -4.58 1.30
CA CYS A 15 -1.44 -4.58 -0.07
C CYS A 15 -0.53 -5.39 -0.98
N ASP A 16 -1.13 -6.24 -1.81
CA ASP A 16 -0.36 -7.08 -2.74
C ASP A 16 -0.12 -6.34 -4.06
N TYR A 17 -1.05 -5.48 -4.42
CA TYR A 17 -0.94 -4.71 -5.66
C TYR A 17 0.43 -4.08 -5.79
N CYS A 18 0.85 -3.36 -4.75
CA CYS A 18 2.15 -2.71 -4.75
C CYS A 18 3.08 -3.34 -3.72
N GLY A 19 2.56 -3.55 -2.51
CA GLY A 19 3.36 -4.14 -1.45
C GLY A 19 3.54 -3.22 -0.27
N LYS A 20 2.45 -2.55 0.12
CA LYS A 20 2.49 -1.63 1.26
C LYS A 20 1.94 -2.28 2.51
N ALA A 21 2.60 -2.07 3.64
CA ALA A 21 2.16 -2.63 4.91
C ALA A 21 1.26 -1.66 5.67
N PHE A 22 0.36 -2.20 6.47
CA PHE A 22 -0.56 -1.38 7.25
C PHE A 22 -0.95 -2.07 8.54
N GLY A 23 -0.81 -1.36 9.66
CA GLY A 23 -1.15 -1.93 10.95
C GLY A 23 -2.64 -1.88 11.23
N LEU A 24 -3.42 -1.53 10.22
CA LEU A 24 -4.87 -1.45 10.36
C LEU A 24 -5.57 -1.94 9.10
N SER A 25 -6.83 -2.33 9.25
CA SER A 25 -7.61 -2.83 8.12
C SER A 25 -8.11 -1.67 7.26
N ALA A 26 -8.73 -0.69 7.91
CA ALA A 26 -9.25 0.48 7.20
C ALA A 26 -8.17 1.17 6.39
N GLU A 27 -6.97 1.24 6.95
CA GLU A 27 -5.84 1.87 6.28
C GLU A 27 -5.60 1.24 4.92
N LEU A 28 -5.47 -0.09 4.90
CA LEU A 28 -5.23 -0.82 3.67
C LEU A 28 -6.37 -0.61 2.68
N VAL A 29 -7.59 -0.82 3.14
CA VAL A 29 -8.78 -0.64 2.29
C VAL A 29 -8.76 0.72 1.60
N ARG A 30 -8.73 1.78 2.41
CA ARG A 30 -8.71 3.14 1.87
C ARG A 30 -7.60 3.29 0.82
N HIS A 31 -6.47 2.67 1.09
CA HIS A 31 -5.33 2.75 0.17
C HIS A 31 -5.64 2.05 -1.15
N GLN A 32 -6.11 0.80 -1.04
CA GLN A 32 -6.45 0.03 -2.23
C GLN A 32 -7.11 0.89 -3.29
N ARG A 33 -7.75 1.98 -2.84
CA ARG A 33 -8.43 2.89 -3.75
C ARG A 33 -7.52 3.28 -4.90
N ILE A 34 -6.27 3.62 -4.58
CA ILE A 34 -5.30 4.02 -5.59
C ILE A 34 -5.23 2.98 -6.72
N HIS A 35 -5.54 1.73 -6.40
CA HIS A 35 -5.51 0.66 -7.38
C HIS A 35 -6.88 0.47 -8.01
N THR A 36 -7.70 1.53 -7.98
CA THR A 36 -9.05 1.47 -8.54
C THR A 36 -9.50 2.85 -8.99
N GLY A 37 -9.79 2.99 -10.28
CA GLY A 37 -10.25 4.26 -10.81
C GLY A 37 -9.24 4.89 -11.74
N GLU A 38 -8.67 6.02 -11.31
CA GLU A 38 -7.67 6.73 -12.11
C GLU A 38 -6.31 6.73 -11.42
N LYS A 39 -5.26 6.47 -12.18
CA LYS A 39 -3.91 6.45 -11.65
C LYS A 39 -3.00 7.40 -12.41
N PRO A 40 -3.07 8.70 -12.07
CA PRO A 40 -2.26 9.73 -12.71
C PRO A 40 -0.78 9.62 -12.34
N SER A 41 -0.49 8.93 -11.24
CA SER A 41 0.88 8.76 -10.79
C SER A 41 1.77 8.29 -11.93
N GLY A 42 3.07 8.56 -11.80
CA GLY A 42 4.01 8.15 -12.84
C GLY A 42 4.98 7.10 -12.36
N PRO A 43 6.16 7.53 -11.90
CA PRO A 43 7.20 6.62 -11.40
C PRO A 43 6.82 5.98 -10.08
N SER A 44 5.97 6.65 -9.31
CA SER A 44 5.52 6.14 -8.03
C SER A 44 5.36 4.63 -8.07
N SER A 45 4.75 4.14 -9.13
CA SER A 45 4.51 2.70 -9.29
C SER A 45 5.72 1.91 -8.79
N GLY A 46 6.90 2.28 -9.27
CA GLY A 46 8.11 1.58 -8.86
C GLY A 46 8.10 1.21 -7.39
ZN ZN B . -1.14 -0.83 -2.90
N GLY A 1 24.39 0.75 2.75
CA GLY A 1 23.95 -0.59 2.45
C GLY A 1 23.69 -1.41 3.70
N SER A 2 24.74 -1.61 4.50
CA SER A 2 24.61 -2.39 5.73
C SER A 2 23.73 -1.67 6.74
N SER A 3 22.95 -2.44 7.49
CA SER A 3 22.05 -1.89 8.49
C SER A 3 22.09 -2.70 9.78
N GLY A 4 21.67 -2.09 10.87
CA GLY A 4 21.67 -2.77 12.16
C GLY A 4 20.29 -3.25 12.56
N SER A 5 19.90 -2.96 13.80
CA SER A 5 18.60 -3.37 14.31
C SER A 5 17.76 -2.16 14.70
N SER A 6 16.72 -1.87 13.91
CA SER A 6 15.85 -0.73 14.18
C SER A 6 14.60 -0.79 13.31
N GLY A 7 13.50 -0.28 13.83
CA GLY A 7 12.25 -0.28 13.08
C GLY A 7 11.10 -0.88 13.87
N SER A 8 9.88 -0.54 13.48
CA SER A 8 8.70 -1.04 14.18
C SER A 8 8.56 -2.55 14.00
N GLY A 9 8.68 -3.01 12.75
CA GLY A 9 8.58 -4.42 12.47
C GLY A 9 7.86 -4.71 11.16
N GLU A 10 6.59 -5.08 11.25
CA GLU A 10 5.80 -5.37 10.07
C GLU A 10 4.32 -5.42 10.39
N LYS A 11 3.50 -4.87 9.50
CA LYS A 11 2.06 -4.84 9.69
C LYS A 11 1.40 -6.10 9.13
N PRO A 12 0.29 -6.52 9.75
CA PRO A 12 -0.45 -7.71 9.32
C PRO A 12 -1.15 -7.51 7.98
N TYR A 13 -1.73 -6.34 7.79
CA TYR A 13 -2.43 -6.02 6.54
C TYR A 13 -1.46 -5.45 5.51
N VAL A 14 -1.03 -6.31 4.59
CA VAL A 14 -0.11 -5.89 3.54
C VAL A 14 -0.77 -5.97 2.16
N CYS A 15 -0.94 -4.82 1.53
CA CYS A 15 -1.56 -4.75 0.22
C CYS A 15 -0.97 -5.80 -0.72
N ASP A 16 -1.84 -6.52 -1.42
CA ASP A 16 -1.40 -7.56 -2.35
C ASP A 16 -1.39 -7.02 -3.78
N TYR A 17 -1.60 -5.72 -3.93
CA TYR A 17 -1.60 -5.09 -5.24
C TYR A 17 -0.25 -4.45 -5.56
N CYS A 18 0.32 -3.78 -4.56
CA CYS A 18 1.61 -3.12 -4.72
C CYS A 18 2.65 -3.72 -3.79
N GLY A 19 2.27 -3.90 -2.53
CA GLY A 19 3.19 -4.48 -1.56
C GLY A 19 3.50 -3.52 -0.43
N LYS A 20 2.48 -2.90 0.13
CA LYS A 20 2.65 -1.96 1.23
C LYS A 20 2.30 -2.60 2.57
N ALA A 21 2.33 -1.79 3.62
CA ALA A 21 2.02 -2.29 4.96
C ALA A 21 1.10 -1.32 5.70
N PHE A 22 0.15 -1.86 6.45
CA PHE A 22 -0.79 -1.05 7.20
C PHE A 22 -1.16 -1.72 8.52
N GLY A 23 -1.06 -0.97 9.61
CA GLY A 23 -1.39 -1.51 10.92
C GLY A 23 -2.88 -1.70 11.12
N LEU A 24 -3.68 -0.98 10.33
CA LEU A 24 -5.13 -1.07 10.43
C LEU A 24 -5.72 -1.58 9.12
N SER A 25 -6.77 -2.41 9.23
CA SER A 25 -7.42 -2.97 8.06
C SER A 25 -7.95 -1.87 7.16
N ALA A 26 -8.82 -1.03 7.71
CA ALA A 26 -9.40 0.07 6.94
C ALA A 26 -8.33 0.84 6.18
N GLU A 27 -7.25 1.19 6.88
CA GLU A 27 -6.15 1.94 6.27
C GLU A 27 -5.70 1.26 4.97
N LEU A 28 -5.74 -0.06 4.95
CA LEU A 28 -5.34 -0.82 3.77
C LEU A 28 -6.39 -0.73 2.68
N VAL A 29 -7.65 -0.91 3.06
CA VAL A 29 -8.76 -0.85 2.11
C VAL A 29 -8.80 0.50 1.41
N ARG A 30 -8.72 1.57 2.20
CA ARG A 30 -8.74 2.92 1.65
C ARG A 30 -7.56 3.16 0.73
N HIS A 31 -6.44 2.51 1.04
CA HIS A 31 -5.22 2.66 0.23
C HIS A 31 -5.42 2.07 -1.16
N GLN A 32 -6.07 0.92 -1.22
CA GLN A 32 -6.33 0.25 -2.50
C GLN A 32 -7.16 1.14 -3.42
N ARG A 33 -7.72 2.21 -2.86
CA ARG A 33 -8.53 3.14 -3.63
C ARG A 33 -7.72 3.80 -4.73
N ILE A 34 -6.42 3.92 -4.51
CA ILE A 34 -5.52 4.54 -5.48
C ILE A 34 -5.22 3.58 -6.63
N HIS A 35 -5.42 2.29 -6.37
CA HIS A 35 -5.16 1.26 -7.39
C HIS A 35 -6.32 1.18 -8.38
N THR A 36 -7.50 1.63 -7.94
CA THR A 36 -8.68 1.59 -8.79
C THR A 36 -9.17 3.00 -9.10
N GLY A 37 -8.24 3.91 -9.35
CA GLY A 37 -8.60 5.28 -9.66
C GLY A 37 -9.22 5.99 -8.48
N GLU A 38 -9.22 7.32 -8.52
CA GLU A 38 -9.80 8.12 -7.45
C GLU A 38 -10.82 9.12 -7.99
N LYS A 39 -12.04 8.64 -8.22
CA LYS A 39 -13.11 9.49 -8.74
C LYS A 39 -14.14 9.79 -7.66
N PRO A 40 -13.82 10.77 -6.80
CA PRO A 40 -14.71 11.18 -5.71
C PRO A 40 -15.97 11.89 -6.22
N SER A 41 -15.90 12.38 -7.45
CA SER A 41 -17.03 13.09 -8.06
C SER A 41 -16.93 13.06 -9.58
N GLY A 42 -17.85 12.33 -10.21
CA GLY A 42 -17.85 12.23 -11.65
C GLY A 42 -19.20 12.59 -12.26
N PRO A 43 -19.43 13.90 -12.44
CA PRO A 43 -20.68 14.42 -13.01
C PRO A 43 -20.82 14.08 -14.49
N SER A 44 -19.73 13.60 -15.09
CA SER A 44 -19.74 13.25 -16.51
C SER A 44 -20.74 12.12 -16.78
N SER A 45 -20.59 11.02 -16.04
CA SER A 45 -21.47 9.87 -16.20
C SER A 45 -22.89 10.32 -16.56
N GLY A 46 -23.33 11.41 -15.95
CA GLY A 46 -24.67 11.92 -16.20
C GLY A 46 -24.65 13.36 -16.70
ZN ZN B . -1.48 -1.04 -2.68
N GLY A 1 19.77 10.04 1.13
CA GLY A 1 18.55 9.88 1.89
C GLY A 1 18.65 10.52 3.27
N SER A 2 17.71 10.19 4.14
CA SER A 2 17.68 10.75 5.49
C SER A 2 17.73 9.63 6.53
N SER A 3 18.58 8.65 6.29
CA SER A 3 18.72 7.52 7.21
C SER A 3 17.37 6.94 7.58
N GLY A 4 16.48 6.84 6.59
CA GLY A 4 15.16 6.31 6.82
C GLY A 4 15.15 4.79 6.91
N SER A 5 15.50 4.25 8.07
CA SER A 5 15.53 2.81 8.27
C SER A 5 14.12 2.25 8.36
N SER A 6 13.90 1.11 7.69
CA SER A 6 12.60 0.46 7.69
C SER A 6 12.74 -1.06 7.56
N GLY A 7 12.39 -1.77 8.62
CA GLY A 7 12.49 -3.22 8.59
C GLY A 7 12.68 -3.81 9.97
N SER A 8 11.80 -3.46 10.90
CA SER A 8 11.89 -3.95 12.27
C SER A 8 10.70 -4.85 12.59
N GLY A 9 9.49 -4.37 12.31
CA GLY A 9 8.30 -5.15 12.58
C GLY A 9 7.53 -5.48 11.32
N GLU A 10 6.43 -6.20 11.47
CA GLU A 10 5.60 -6.59 10.33
C GLU A 10 4.13 -6.29 10.60
N LYS A 11 3.39 -6.03 9.53
CA LYS A 11 1.97 -5.73 9.65
C LYS A 11 1.13 -6.77 8.93
N PRO A 12 -0.05 -7.09 9.50
CA PRO A 12 -0.96 -8.08 8.93
C PRO A 12 -1.62 -7.59 7.65
N TYR A 13 -2.07 -6.35 7.65
CA TYR A 13 -2.72 -5.76 6.49
C TYR A 13 -1.69 -5.18 5.53
N VAL A 14 -1.31 -5.96 4.52
CA VAL A 14 -0.34 -5.53 3.53
C VAL A 14 -0.89 -5.67 2.12
N CYS A 15 -0.97 -4.55 1.40
CA CYS A 15 -1.47 -4.55 0.03
C CYS A 15 -0.64 -5.47 -0.85
N ASP A 16 -1.33 -6.33 -1.61
CA ASP A 16 -0.66 -7.26 -2.50
C ASP A 16 -0.44 -6.63 -3.88
N TYR A 17 -1.20 -5.60 -4.18
CA TYR A 17 -1.10 -4.91 -5.47
C TYR A 17 0.28 -4.27 -5.63
N CYS A 18 0.68 -3.48 -4.64
CA CYS A 18 1.97 -2.81 -4.68
C CYS A 18 2.96 -3.49 -3.72
N GLY A 19 2.51 -3.74 -2.50
CA GLY A 19 3.37 -4.38 -1.52
C GLY A 19 3.59 -3.51 -0.30
N LYS A 20 2.59 -2.71 0.06
CA LYS A 20 2.68 -1.82 1.21
C LYS A 20 2.13 -2.49 2.46
N ALA A 21 2.69 -2.16 3.62
CA ALA A 21 2.25 -2.72 4.88
C ALA A 21 1.38 -1.73 5.66
N PHE A 22 0.37 -2.25 6.35
CA PHE A 22 -0.52 -1.41 7.13
C PHE A 22 -0.95 -2.10 8.42
N GLY A 23 -0.89 -1.37 9.53
CA GLY A 23 -1.26 -1.94 10.81
C GLY A 23 -2.77 -2.06 10.97
N LEU A 24 -3.50 -1.10 10.41
CA LEU A 24 -4.96 -1.10 10.49
C LEU A 24 -5.58 -1.49 9.16
N SER A 25 -6.67 -2.24 9.22
CA SER A 25 -7.37 -2.68 8.01
C SER A 25 -7.87 -1.48 7.21
N ALA A 26 -8.79 -0.71 7.82
CA ALA A 26 -9.35 0.46 7.16
C ALA A 26 -8.31 1.17 6.31
N GLU A 27 -7.10 1.29 6.86
CA GLU A 27 -6.01 1.96 6.15
C GLU A 27 -5.75 1.30 4.80
N LEU A 28 -5.58 -0.02 4.82
CA LEU A 28 -5.32 -0.78 3.60
C LEU A 28 -6.50 -0.66 2.63
N VAL A 29 -7.69 -1.02 3.09
CA VAL A 29 -8.89 -0.94 2.27
C VAL A 29 -9.00 0.41 1.57
N ARG A 30 -8.80 1.47 2.34
CA ARG A 30 -8.87 2.82 1.78
C ARG A 30 -7.68 3.11 0.88
N HIS A 31 -6.57 2.41 1.11
CA HIS A 31 -5.36 2.58 0.31
C HIS A 31 -5.55 1.97 -1.08
N GLN A 32 -6.00 0.72 -1.12
CA GLN A 32 -6.21 0.02 -2.38
C GLN A 32 -7.02 0.88 -3.35
N ARG A 33 -7.71 1.88 -2.81
CA ARG A 33 -8.53 2.77 -3.62
C ARG A 33 -7.68 3.44 -4.70
N ILE A 34 -6.41 3.67 -4.39
CA ILE A 34 -5.50 4.30 -5.34
C ILE A 34 -5.22 3.40 -6.54
N HIS A 35 -5.50 2.10 -6.37
CA HIS A 35 -5.29 1.14 -7.44
C HIS A 35 -6.54 0.98 -8.29
N THR A 36 -7.69 1.35 -7.73
CA THR A 36 -8.96 1.25 -8.43
C THR A 36 -9.60 2.62 -8.61
N GLY A 37 -8.76 3.65 -8.75
CA GLY A 37 -9.26 5.00 -8.92
C GLY A 37 -9.06 5.52 -10.33
N GLU A 38 -9.62 6.68 -10.63
CA GLU A 38 -9.51 7.28 -11.95
C GLU A 38 -8.74 8.60 -11.89
N LYS A 39 -7.63 8.59 -11.17
CA LYS A 39 -6.80 9.79 -11.03
C LYS A 39 -5.50 9.63 -11.81
N PRO A 40 -5.03 10.75 -12.39
CA PRO A 40 -3.78 10.77 -13.17
C PRO A 40 -2.55 10.59 -12.30
N SER A 41 -2.66 10.96 -11.03
CA SER A 41 -1.55 10.84 -10.09
C SER A 41 -1.13 9.38 -9.93
N GLY A 42 0.16 9.16 -9.75
CA GLY A 42 0.67 7.82 -9.59
C GLY A 42 2.16 7.71 -9.90
N PRO A 43 2.86 6.83 -9.18
CA PRO A 43 4.29 6.62 -9.38
C PRO A 43 4.61 5.93 -10.71
N SER A 44 5.90 5.88 -11.05
CA SER A 44 6.33 5.25 -12.29
C SER A 44 7.80 4.85 -12.22
N SER A 45 8.05 3.55 -12.16
CA SER A 45 9.40 3.03 -12.08
C SER A 45 9.85 2.46 -13.43
N GLY A 46 8.98 1.66 -14.04
CA GLY A 46 9.29 1.06 -15.32
C GLY A 46 8.87 -0.39 -15.41
ZN ZN B . -1.28 -0.87 -2.86
N GLY A 1 27.88 0.90 0.49
CA GLY A 1 27.12 1.55 1.55
C GLY A 1 25.65 1.68 1.21
N SER A 2 24.81 1.63 2.23
CA SER A 2 23.37 1.74 2.03
C SER A 2 22.67 2.14 3.33
N SER A 3 21.38 2.48 3.22
CA SER A 3 20.60 2.88 4.39
C SER A 3 20.10 1.67 5.16
N GLY A 4 19.58 1.91 6.35
CA GLY A 4 19.07 0.82 7.17
C GLY A 4 17.60 0.53 6.90
N SER A 5 16.86 0.25 7.96
CA SER A 5 15.44 -0.05 7.83
C SER A 5 14.58 1.10 8.35
N SER A 6 13.67 1.59 7.51
CA SER A 6 12.79 2.69 7.88
C SER A 6 11.50 2.16 8.49
N GLY A 7 11.53 1.89 9.79
CA GLY A 7 10.36 1.39 10.48
C GLY A 7 10.08 -0.07 10.17
N SER A 8 10.91 -0.95 10.72
CA SER A 8 10.77 -2.38 10.50
C SER A 8 9.52 -2.92 11.21
N GLY A 9 8.63 -3.54 10.46
CA GLY A 9 7.41 -4.09 11.03
C GLY A 9 6.63 -4.93 10.04
N GLU A 10 6.23 -6.12 10.47
CA GLU A 10 5.48 -7.02 9.61
C GLU A 10 3.98 -6.88 9.86
N LYS A 11 3.41 -5.76 9.39
CA LYS A 11 1.99 -5.50 9.56
C LYS A 11 1.15 -6.61 8.94
N PRO A 12 0.02 -6.94 9.59
CA PRO A 12 -0.89 -7.99 9.12
C PRO A 12 -1.62 -7.59 7.83
N TYR A 13 -2.00 -6.32 7.75
CA TYR A 13 -2.72 -5.81 6.59
C TYR A 13 -1.75 -5.20 5.58
N VAL A 14 -1.37 -5.99 4.58
CA VAL A 14 -0.44 -5.54 3.55
C VAL A 14 -1.04 -5.71 2.16
N CYS A 15 -1.01 -4.63 1.37
CA CYS A 15 -1.56 -4.66 0.02
C CYS A 15 -0.73 -5.59 -0.88
N ASP A 16 -1.41 -6.35 -1.72
CA ASP A 16 -0.75 -7.27 -2.63
C ASP A 16 -0.49 -6.62 -3.99
N TYR A 17 -1.30 -5.62 -4.31
CA TYR A 17 -1.16 -4.91 -5.58
C TYR A 17 0.23 -4.29 -5.71
N CYS A 18 0.60 -3.48 -4.74
CA CYS A 18 1.90 -2.83 -4.74
C CYS A 18 2.84 -3.47 -3.73
N GLY A 19 2.33 -3.68 -2.51
CA GLY A 19 3.13 -4.29 -1.46
C GLY A 19 3.35 -3.36 -0.29
N LYS A 20 2.34 -2.56 0.02
CA LYS A 20 2.42 -1.62 1.13
C LYS A 20 1.85 -2.24 2.41
N ALA A 21 2.61 -2.12 3.51
CA ALA A 21 2.17 -2.65 4.79
C ALA A 21 1.36 -1.64 5.57
N PHE A 22 0.31 -2.10 6.22
CA PHE A 22 -0.56 -1.23 7.01
C PHE A 22 -0.92 -1.88 8.35
N GLY A 23 -0.81 -1.11 9.42
CA GLY A 23 -1.13 -1.63 10.74
C GLY A 23 -2.63 -1.73 10.98
N LEU A 24 -3.39 -0.92 10.25
CA LEU A 24 -4.85 -0.91 10.39
C LEU A 24 -5.51 -1.36 9.10
N SER A 25 -6.52 -2.21 9.22
CA SER A 25 -7.25 -2.72 8.07
C SER A 25 -7.83 -1.58 7.24
N ALA A 26 -8.62 -0.73 7.88
CA ALA A 26 -9.24 0.41 7.21
C ALA A 26 -8.24 1.12 6.30
N GLU A 27 -7.01 1.25 6.78
CA GLU A 27 -5.96 1.92 6.01
C GLU A 27 -5.66 1.14 4.73
N LEU A 28 -5.66 -0.18 4.83
CA LEU A 28 -5.39 -1.05 3.69
C LEU A 28 -6.55 -1.02 2.69
N VAL A 29 -7.77 -1.13 3.22
CA VAL A 29 -8.97 -1.11 2.39
C VAL A 29 -9.11 0.22 1.65
N ARG A 30 -8.82 1.31 2.36
CA ARG A 30 -8.93 2.64 1.78
C ARG A 30 -7.76 2.91 0.83
N HIS A 31 -6.60 2.32 1.14
CA HIS A 31 -5.42 2.50 0.30
C HIS A 31 -5.63 1.91 -1.09
N GLN A 32 -6.08 0.67 -1.14
CA GLN A 32 -6.33 0.00 -2.41
C GLN A 32 -6.95 0.95 -3.42
N ARG A 33 -7.64 1.97 -2.91
CA ARG A 33 -8.29 2.96 -3.77
C ARG A 33 -7.32 3.48 -4.83
N ILE A 34 -6.13 3.87 -4.39
CA ILE A 34 -5.12 4.39 -5.29
C ILE A 34 -4.92 3.46 -6.49
N HIS A 35 -5.33 2.21 -6.32
CA HIS A 35 -5.19 1.22 -7.39
C HIS A 35 -6.45 1.18 -8.25
N THR A 36 -7.58 1.57 -7.67
CA THR A 36 -8.84 1.58 -8.39
C THR A 36 -9.27 3.00 -8.75
N GLY A 37 -8.67 3.54 -9.80
CA GLY A 37 -9.00 4.89 -10.23
C GLY A 37 -8.07 5.39 -11.32
N GLU A 38 -7.87 4.57 -12.34
CA GLU A 38 -7.00 4.93 -13.45
C GLU A 38 -5.74 5.63 -12.94
N LYS A 39 -5.19 5.13 -11.84
CA LYS A 39 -3.98 5.70 -11.26
C LYS A 39 -2.87 4.67 -11.19
N PRO A 40 -2.24 4.38 -12.35
CA PRO A 40 -1.16 3.42 -12.45
C PRO A 40 0.12 3.90 -11.77
N SER A 41 0.25 3.62 -10.48
CA SER A 41 1.42 4.02 -9.72
C SER A 41 1.63 3.12 -8.51
N GLY A 42 2.71 2.33 -8.55
CA GLY A 42 3.01 1.43 -7.46
C GLY A 42 4.47 1.49 -7.03
N PRO A 43 5.30 0.62 -7.60
CA PRO A 43 6.72 0.55 -7.29
C PRO A 43 7.48 1.77 -7.82
N SER A 44 8.48 2.21 -7.07
CA SER A 44 9.28 3.36 -7.46
C SER A 44 8.41 4.59 -7.69
N SER A 45 7.44 4.78 -6.79
CA SER A 45 6.53 5.91 -6.89
C SER A 45 7.12 7.16 -6.24
N GLY A 46 7.71 6.98 -5.06
CA GLY A 46 8.31 8.10 -4.35
C GLY A 46 8.36 7.87 -2.85
ZN ZN B . -1.22 -0.99 -2.88
N GLY A 1 24.32 -0.21 -1.08
CA GLY A 1 24.01 -1.04 0.07
C GLY A 1 22.52 -1.38 0.15
N SER A 2 22.00 -2.01 -0.89
CA SER A 2 20.59 -2.37 -0.93
C SER A 2 20.21 -3.17 0.32
N SER A 3 20.92 -4.26 0.56
CA SER A 3 20.65 -5.12 1.72
C SER A 3 20.22 -4.27 2.92
N GLY A 4 19.39 -4.86 3.77
CA GLY A 4 18.93 -4.15 4.95
C GLY A 4 18.23 -5.07 5.93
N SER A 5 18.91 -5.39 7.04
CA SER A 5 18.35 -6.27 8.06
C SER A 5 17.47 -5.48 9.02
N SER A 6 16.15 -5.55 8.82
CA SER A 6 15.21 -4.85 9.66
C SER A 6 13.80 -5.43 9.52
N GLY A 7 12.87 -4.93 10.33
CA GLY A 7 11.51 -5.43 10.28
C GLY A 7 10.98 -5.79 11.66
N SER A 8 11.09 -4.86 12.59
CA SER A 8 10.62 -5.10 13.96
C SER A 8 9.26 -4.46 14.19
N GLY A 9 8.38 -4.58 13.19
CA GLY A 9 7.05 -4.01 13.31
C GLY A 9 6.22 -4.23 12.06
N GLU A 10 6.18 -5.48 11.59
CA GLU A 10 5.43 -5.82 10.39
C GLU A 10 3.93 -5.76 10.67
N LYS A 11 3.15 -5.44 9.64
CA LYS A 11 1.70 -5.35 9.77
C LYS A 11 1.02 -6.52 9.05
N PRO A 12 -0.11 -6.99 9.61
CA PRO A 12 -0.87 -8.09 9.04
C PRO A 12 -1.58 -7.71 7.74
N TYR A 13 -1.97 -6.44 7.65
CA TYR A 13 -2.66 -5.94 6.46
C TYR A 13 -1.66 -5.33 5.48
N VAL A 14 -1.39 -6.06 4.40
CA VAL A 14 -0.46 -5.58 3.38
C VAL A 14 -1.09 -5.63 1.99
N CYS A 15 -0.98 -4.54 1.26
CA CYS A 15 -1.55 -4.46 -0.09
C CYS A 15 -0.86 -5.44 -1.03
N ASP A 16 -1.62 -6.41 -1.53
CA ASP A 16 -1.09 -7.42 -2.44
C ASP A 16 -1.06 -6.90 -3.87
N TYR A 17 -1.07 -5.58 -4.02
CA TYR A 17 -1.04 -4.95 -5.33
C TYR A 17 0.32 -4.33 -5.61
N CYS A 18 0.80 -3.51 -4.68
CA CYS A 18 2.09 -2.85 -4.83
C CYS A 18 3.07 -3.37 -3.79
N GLY A 19 2.60 -3.55 -2.56
CA GLY A 19 3.46 -4.04 -1.50
C GLY A 19 3.57 -3.06 -0.35
N LYS A 20 2.43 -2.55 0.09
CA LYS A 20 2.40 -1.59 1.20
C LYS A 20 1.86 -2.25 2.47
N ALA A 21 2.43 -1.88 3.61
CA ALA A 21 2.00 -2.42 4.89
C ALA A 21 1.07 -1.45 5.62
N PHE A 22 0.15 -2.00 6.40
CA PHE A 22 -0.79 -1.18 7.16
C PHE A 22 -1.20 -1.88 8.45
N GLY A 23 -1.01 -1.18 9.57
CA GLY A 23 -1.36 -1.74 10.86
C GLY A 23 -2.83 -1.59 11.18
N LEU A 24 -3.66 -1.52 10.14
CA LEU A 24 -5.10 -1.37 10.31
C LEU A 24 -5.85 -1.71 9.03
N SER A 25 -6.93 -2.47 9.16
CA SER A 25 -7.72 -2.87 8.00
C SER A 25 -8.11 -1.66 7.17
N ALA A 26 -8.69 -0.66 7.81
CA ALA A 26 -9.11 0.56 7.13
C ALA A 26 -7.96 1.14 6.31
N GLU A 27 -6.81 1.32 6.94
CA GLU A 27 -5.64 1.88 6.27
C GLU A 27 -5.43 1.20 4.91
N LEU A 28 -5.68 -0.10 4.87
CA LEU A 28 -5.51 -0.86 3.64
C LEU A 28 -6.67 -0.63 2.69
N VAL A 29 -7.89 -0.71 3.21
CA VAL A 29 -9.09 -0.51 2.41
C VAL A 29 -9.03 0.83 1.68
N ARG A 30 -8.60 1.88 2.39
CA ARG A 30 -8.49 3.20 1.80
C ARG A 30 -7.36 3.27 0.79
N HIS A 31 -6.26 2.60 1.11
CA HIS A 31 -5.10 2.58 0.23
C HIS A 31 -5.43 1.90 -1.11
N GLN A 32 -5.81 0.63 -1.04
CA GLN A 32 -6.16 -0.13 -2.23
C GLN A 32 -6.92 0.73 -3.22
N ARG A 33 -7.61 1.74 -2.70
CA ARG A 33 -8.39 2.64 -3.55
C ARG A 33 -7.55 3.15 -4.73
N ILE A 34 -6.34 3.62 -4.43
CA ILE A 34 -5.45 4.12 -5.46
C ILE A 34 -5.24 3.10 -6.56
N HIS A 35 -5.54 1.83 -6.26
CA HIS A 35 -5.39 0.75 -7.22
C HIS A 35 -6.71 0.45 -7.91
N THR A 36 -7.82 0.73 -7.22
CA THR A 36 -9.14 0.48 -7.78
C THR A 36 -9.79 1.78 -8.23
N GLY A 37 -9.65 2.09 -9.52
CA GLY A 37 -10.24 3.30 -10.06
C GLY A 37 -9.36 3.94 -11.12
N GLU A 38 -9.87 4.99 -11.75
CA GLU A 38 -9.12 5.70 -12.79
C GLU A 38 -8.58 7.03 -12.27
N LYS A 39 -7.34 7.02 -11.82
CA LYS A 39 -6.70 8.22 -11.30
C LYS A 39 -5.32 8.42 -11.92
N PRO A 40 -4.96 9.69 -12.16
CA PRO A 40 -3.65 10.04 -12.74
C PRO A 40 -2.50 9.78 -11.78
N SER A 41 -1.46 9.12 -12.28
CA SER A 41 -0.30 8.80 -11.47
C SER A 41 1.00 9.15 -12.22
N GLY A 42 1.67 10.20 -11.74
CA GLY A 42 2.91 10.62 -12.37
C GLY A 42 3.96 9.53 -12.38
N PRO A 43 4.73 9.43 -11.29
CA PRO A 43 5.79 8.42 -11.15
C PRO A 43 5.23 7.02 -11.00
N SER A 44 6.12 6.02 -11.04
CA SER A 44 5.71 4.63 -10.91
C SER A 44 5.46 4.27 -9.45
N SER A 45 4.28 4.64 -8.96
CA SER A 45 3.92 4.35 -7.57
C SER A 45 2.91 3.21 -7.49
N GLY A 46 1.92 3.23 -8.38
CA GLY A 46 0.92 2.19 -8.41
C GLY A 46 1.46 0.85 -8.86
ZN ZN B . -1.03 -0.78 -3.07
N GLY A 1 24.85 4.85 2.46
CA GLY A 1 24.63 4.62 3.89
C GLY A 1 23.59 3.55 4.14
N SER A 2 23.07 3.51 5.36
CA SER A 2 22.07 2.52 5.73
C SER A 2 21.17 3.06 6.85
N SER A 3 19.86 3.00 6.60
CA SER A 3 18.88 3.48 7.57
C SER A 3 17.75 2.47 7.75
N GLY A 4 17.31 2.31 9.00
CA GLY A 4 16.24 1.37 9.30
C GLY A 4 16.57 0.46 10.46
N SER A 5 17.15 1.04 11.51
CA SER A 5 17.52 0.26 12.69
C SER A 5 16.52 0.47 13.82
N SER A 6 15.23 0.45 13.48
CA SER A 6 14.17 0.64 14.46
C SER A 6 13.74 -0.69 15.05
N GLY A 7 13.26 -1.60 14.20
CA GLY A 7 12.82 -2.90 14.66
C GLY A 7 11.50 -2.85 15.39
N SER A 8 10.52 -2.17 14.78
CA SER A 8 9.19 -2.04 15.36
C SER A 8 8.41 -3.33 15.22
N GLY A 9 8.29 -3.81 13.99
CA GLY A 9 7.55 -5.03 13.73
C GLY A 9 6.77 -4.98 12.43
N GLU A 10 6.69 -6.11 11.75
CA GLU A 10 5.97 -6.20 10.49
C GLU A 10 4.46 -6.08 10.71
N LYS A 11 3.79 -5.33 9.84
CA LYS A 11 2.36 -5.13 9.94
C LYS A 11 1.61 -6.37 9.45
N PRO A 12 0.44 -6.63 10.06
CA PRO A 12 -0.39 -7.78 9.70
C PRO A 12 -1.05 -7.62 8.34
N TYR A 13 -1.46 -6.40 8.03
CA TYR A 13 -2.11 -6.10 6.75
C TYR A 13 -1.08 -5.68 5.71
N VAL A 14 -1.17 -6.27 4.53
CA VAL A 14 -0.25 -5.95 3.44
C VAL A 14 -0.94 -6.05 2.08
N CYS A 15 -0.89 -4.96 1.32
CA CYS A 15 -1.53 -4.93 0.00
C CYS A 15 -0.80 -5.87 -0.97
N ASP A 16 -1.50 -6.28 -2.01
CA ASP A 16 -0.93 -7.17 -3.01
C ASP A 16 -0.62 -6.42 -4.30
N TYR A 17 -1.44 -5.43 -4.61
CA TYR A 17 -1.25 -4.63 -5.82
C TYR A 17 0.16 -4.06 -5.89
N CYS A 18 0.52 -3.30 -4.86
CA CYS A 18 1.85 -2.69 -4.79
C CYS A 18 2.74 -3.44 -3.82
N GLY A 19 2.22 -3.72 -2.63
CA GLY A 19 2.98 -4.42 -1.62
C GLY A 19 3.29 -3.57 -0.41
N LYS A 20 2.32 -2.75 0.00
CA LYS A 20 2.49 -1.88 1.15
C LYS A 20 2.11 -2.60 2.43
N ALA A 21 2.45 -1.99 3.57
CA ALA A 21 2.14 -2.57 4.87
C ALA A 21 1.31 -1.61 5.72
N PHE A 22 0.19 -2.10 6.22
CA PHE A 22 -0.69 -1.29 7.05
C PHE A 22 -1.01 -2.00 8.37
N GLY A 23 -1.20 -1.20 9.43
CA GLY A 23 -1.50 -1.77 10.73
C GLY A 23 -2.98 -1.94 10.96
N LEU A 24 -3.79 -1.10 10.31
CA LEU A 24 -5.24 -1.17 10.44
C LEU A 24 -5.89 -1.53 9.12
N SER A 25 -6.87 -2.43 9.16
CA SER A 25 -7.58 -2.86 7.96
C SER A 25 -8.07 -1.66 7.16
N ALA A 26 -8.89 -0.83 7.79
CA ALA A 26 -9.44 0.35 7.14
C ALA A 26 -8.38 1.02 6.26
N GLU A 27 -7.22 1.31 6.85
CA GLU A 27 -6.14 1.96 6.13
C GLU A 27 -5.86 1.24 4.81
N LEU A 28 -5.72 -0.08 4.87
CA LEU A 28 -5.46 -0.88 3.68
C LEU A 28 -6.56 -0.69 2.64
N VAL A 29 -7.81 -0.81 3.09
CA VAL A 29 -8.96 -0.65 2.21
C VAL A 29 -8.96 0.73 1.54
N ARG A 30 -8.80 1.77 2.35
CA ARG A 30 -8.77 3.13 1.84
C ARG A 30 -7.54 3.37 0.97
N HIS A 31 -6.59 2.45 1.05
CA HIS A 31 -5.36 2.56 0.27
C HIS A 31 -5.55 2.00 -1.14
N GLN A 32 -5.92 0.72 -1.22
CA GLN A 32 -6.14 0.08 -2.50
C GLN A 32 -6.87 0.99 -3.47
N ARG A 33 -7.62 1.95 -2.91
CA ARG A 33 -8.37 2.90 -3.72
C ARG A 33 -7.49 3.50 -4.81
N ILE A 34 -6.26 3.84 -4.45
CA ILE A 34 -5.32 4.43 -5.40
C ILE A 34 -5.17 3.55 -6.64
N HIS A 35 -5.38 2.25 -6.46
CA HIS A 35 -5.26 1.29 -7.56
C HIS A 35 -6.55 1.25 -8.38
N THR A 36 -7.66 1.64 -7.75
CA THR A 36 -8.95 1.65 -8.42
C THR A 36 -9.32 3.04 -8.89
N GLY A 37 -9.47 3.20 -10.21
CA GLY A 37 -9.82 4.49 -10.76
C GLY A 37 -8.77 5.55 -10.49
N GLU A 38 -7.66 5.47 -11.23
CA GLU A 38 -6.57 6.43 -11.06
C GLU A 38 -5.77 6.57 -12.36
N LYS A 39 -5.46 7.81 -12.72
CA LYS A 39 -4.71 8.09 -13.93
C LYS A 39 -3.38 7.32 -13.93
N PRO A 40 -2.87 7.03 -15.13
CA PRO A 40 -1.60 6.31 -15.30
C PRO A 40 -0.40 7.13 -14.87
N SER A 41 -0.11 7.13 -13.59
CA SER A 41 1.02 7.88 -13.04
C SER A 41 1.41 7.38 -11.66
N GLY A 42 2.69 7.49 -11.32
CA GLY A 42 3.16 7.04 -10.03
C GLY A 42 4.49 6.33 -10.12
N PRO A 43 5.59 7.12 -10.12
CA PRO A 43 6.94 6.57 -10.20
C PRO A 43 7.35 5.83 -8.92
N SER A 44 6.46 5.83 -7.94
CA SER A 44 6.72 5.16 -6.67
C SER A 44 6.32 3.69 -6.73
N SER A 45 5.05 3.45 -7.04
CA SER A 45 4.52 2.09 -7.12
C SER A 45 5.06 1.39 -8.36
N GLY A 46 6.02 0.48 -8.17
CA GLY A 46 6.60 -0.26 -9.28
C GLY A 46 6.21 -1.72 -9.27
ZN ZN B . -1.32 -1.14 -2.82
N GLY A 1 21.21 -3.18 -3.07
CA GLY A 1 22.56 -2.65 -3.03
C GLY A 1 23.40 -3.30 -1.95
N SER A 2 24.66 -2.88 -1.85
CA SER A 2 25.57 -3.44 -0.86
C SER A 2 25.05 -3.20 0.56
N SER A 3 24.87 -1.93 0.91
CA SER A 3 24.38 -1.57 2.23
C SER A 3 22.87 -1.75 2.31
N GLY A 4 22.42 -2.51 3.31
CA GLY A 4 20.99 -2.74 3.49
C GLY A 4 20.47 -2.20 4.80
N SER A 5 19.24 -1.71 4.79
CA SER A 5 18.63 -1.15 5.98
C SER A 5 17.20 -1.68 6.17
N SER A 6 16.67 -1.51 7.37
CA SER A 6 15.31 -1.98 7.67
C SER A 6 14.73 -1.22 8.86
N GLY A 7 13.44 -1.36 9.07
CA GLY A 7 12.78 -0.69 10.18
C GLY A 7 11.84 -1.61 10.95
N SER A 8 10.92 -1.01 11.69
CA SER A 8 9.96 -1.78 12.48
C SER A 8 8.56 -1.70 11.87
N GLY A 9 8.49 -1.88 10.55
CA GLY A 9 7.21 -1.83 9.87
C GLY A 9 6.60 -3.20 9.67
N GLU A 10 6.43 -3.93 10.77
CA GLU A 10 5.85 -5.27 10.71
C GLU A 10 4.34 -5.22 10.89
N LYS A 11 3.62 -5.23 9.78
CA LYS A 11 2.16 -5.18 9.80
C LYS A 11 1.56 -6.38 9.08
N PRO A 12 0.43 -6.88 9.59
CA PRO A 12 -0.27 -8.04 9.00
C PRO A 12 -0.91 -7.69 7.67
N TYR A 13 -1.68 -6.61 7.65
CA TYR A 13 -2.36 -6.18 6.43
C TYR A 13 -1.36 -5.63 5.41
N VAL A 14 -0.94 -6.50 4.49
CA VAL A 14 0.01 -6.09 3.46
C VAL A 14 -0.63 -6.11 2.07
N CYS A 15 -0.86 -4.93 1.52
CA CYS A 15 -1.47 -4.80 0.20
C CYS A 15 -0.87 -5.80 -0.78
N ASP A 16 -1.73 -6.60 -1.41
CA ASP A 16 -1.28 -7.59 -2.38
C ASP A 16 -1.20 -7.01 -3.77
N TYR A 17 -1.21 -5.68 -3.86
CA TYR A 17 -1.15 -4.99 -5.14
C TYR A 17 0.25 -4.42 -5.38
N CYS A 18 0.70 -3.58 -4.46
CA CYS A 18 2.02 -2.96 -4.56
C CYS A 18 2.96 -3.51 -3.49
N GLY A 19 2.42 -3.72 -2.29
CA GLY A 19 3.23 -4.23 -1.19
C GLY A 19 3.20 -3.34 0.02
N LYS A 20 2.38 -2.29 -0.03
CA LYS A 20 2.24 -1.35 1.08
C LYS A 20 1.63 -2.04 2.29
N ALA A 21 2.33 -1.99 3.42
CA ALA A 21 1.84 -2.59 4.65
C ALA A 21 0.93 -1.64 5.41
N PHE A 22 0.14 -2.19 6.33
CA PHE A 22 -0.78 -1.39 7.12
C PHE A 22 -1.15 -2.10 8.41
N GLY A 23 -1.21 -1.34 9.51
CA GLY A 23 -1.54 -1.91 10.80
C GLY A 23 -3.04 -2.07 10.99
N LEU A 24 -3.80 -1.20 10.35
CA LEU A 24 -5.26 -1.24 10.46
C LEU A 24 -5.89 -1.58 9.12
N SER A 25 -6.96 -2.39 9.16
CA SER A 25 -7.67 -2.80 7.96
C SER A 25 -8.11 -1.58 7.14
N ALA A 26 -8.89 -0.71 7.77
CA ALA A 26 -9.37 0.50 7.11
C ALA A 26 -8.27 1.17 6.30
N GLU A 27 -7.08 1.27 6.90
CA GLU A 27 -5.95 1.89 6.24
C GLU A 27 -5.65 1.20 4.91
N LEU A 28 -5.72 -0.12 4.90
CA LEU A 28 -5.46 -0.89 3.69
C LEU A 28 -6.57 -0.68 2.66
N VAL A 29 -7.81 -0.72 3.13
CA VAL A 29 -8.97 -0.52 2.26
C VAL A 29 -8.93 0.85 1.59
N ARG A 30 -8.67 1.88 2.39
CA ARG A 30 -8.62 3.24 1.86
C ARG A 30 -7.42 3.42 0.94
N HIS A 31 -6.41 2.56 1.10
CA HIS A 31 -5.21 2.62 0.29
C HIS A 31 -5.48 2.06 -1.11
N GLN A 32 -6.07 0.86 -1.16
CA GLN A 32 -6.37 0.21 -2.43
C GLN A 32 -7.09 1.17 -3.38
N ARG A 33 -7.66 2.23 -2.81
CA ARG A 33 -8.37 3.22 -3.60
C ARG A 33 -7.52 3.70 -4.78
N ILE A 34 -6.21 3.68 -4.59
CA ILE A 34 -5.28 4.10 -5.64
C ILE A 34 -5.21 3.08 -6.77
N HIS A 35 -5.47 1.82 -6.43
CA HIS A 35 -5.44 0.74 -7.41
C HIS A 35 -6.77 0.63 -8.14
N THR A 36 -7.53 1.72 -8.15
CA THR A 36 -8.83 1.76 -8.81
C THR A 36 -9.24 3.19 -9.14
N GLY A 37 -10.22 3.32 -10.02
CA GLY A 37 -10.70 4.64 -10.40
C GLY A 37 -9.79 5.32 -11.41
N GLU A 38 -8.89 6.16 -10.92
CA GLU A 38 -7.96 6.88 -11.78
C GLU A 38 -7.32 5.92 -12.78
N LYS A 39 -7.34 4.63 -12.47
CA LYS A 39 -6.75 3.62 -13.34
C LYS A 39 -7.74 2.48 -13.59
N PRO A 40 -8.66 2.70 -14.54
CA PRO A 40 -9.67 1.71 -14.91
C PRO A 40 -9.07 0.51 -15.63
N SER A 41 -8.27 0.77 -16.66
CA SER A 41 -7.64 -0.29 -17.43
C SER A 41 -6.67 0.29 -18.45
N GLY A 42 -5.79 -0.56 -18.98
CA GLY A 42 -4.83 -0.12 -19.97
C GLY A 42 -3.93 -1.24 -20.45
N PRO A 43 -2.95 -1.60 -19.62
CA PRO A 43 -2.00 -2.67 -19.94
C PRO A 43 -2.65 -4.05 -19.93
N SER A 44 -3.49 -4.29 -18.94
CA SER A 44 -4.18 -5.58 -18.82
C SER A 44 -5.53 -5.55 -19.54
N SER A 45 -5.98 -6.71 -20.00
CA SER A 45 -7.25 -6.82 -20.71
C SER A 45 -8.37 -6.17 -19.91
N GLY A 46 -9.42 -5.75 -20.62
CA GLY A 46 -10.56 -5.13 -19.95
C GLY A 46 -11.17 -4.02 -20.79
ZN ZN B . -1.17 -1.17 -2.75
N GLY A 1 25.09 -2.76 0.88
CA GLY A 1 24.09 -2.60 1.92
C GLY A 1 24.56 -3.10 3.26
N SER A 2 24.50 -4.42 3.45
CA SER A 2 24.92 -5.04 4.70
C SER A 2 24.03 -4.58 5.85
N SER A 3 22.72 -4.52 5.60
CA SER A 3 21.76 -4.10 6.61
C SER A 3 20.95 -5.29 7.12
N GLY A 4 21.25 -5.72 8.33
CA GLY A 4 20.53 -6.84 8.91
C GLY A 4 19.33 -6.41 9.73
N SER A 5 18.44 -7.36 10.01
CA SER A 5 17.24 -7.07 10.79
C SER A 5 16.60 -8.35 11.29
N SER A 6 16.04 -8.29 12.50
CA SER A 6 15.40 -9.46 13.11
C SER A 6 14.56 -9.05 14.31
N GLY A 7 13.26 -9.30 14.24
CA GLY A 7 12.37 -8.96 15.33
C GLY A 7 11.85 -7.53 15.22
N SER A 8 11.13 -7.25 14.14
CA SER A 8 10.58 -5.92 13.92
C SER A 8 9.05 -5.93 14.09
N GLY A 9 8.41 -6.97 13.56
CA GLY A 9 6.97 -7.07 13.67
C GLY A 9 6.24 -6.35 12.54
N GLU A 10 6.38 -6.87 11.34
CA GLU A 10 5.74 -6.27 10.16
C GLU A 10 4.22 -6.21 10.36
N LYS A 11 3.59 -5.28 9.65
CA LYS A 11 2.14 -5.12 9.74
C LYS A 11 1.41 -6.31 9.11
N PRO A 12 0.29 -6.70 9.72
CA PRO A 12 -0.52 -7.83 9.23
C PRO A 12 -1.21 -7.52 7.91
N TYR A 13 -1.85 -6.36 7.84
CA TYR A 13 -2.56 -5.94 6.63
C TYR A 13 -1.59 -5.41 5.58
N VAL A 14 -1.36 -6.19 4.53
CA VAL A 14 -0.46 -5.80 3.46
C VAL A 14 -1.12 -5.97 2.10
N CYS A 15 -0.86 -5.02 1.20
CA CYS A 15 -1.42 -5.06 -0.15
C CYS A 15 -0.57 -5.91 -1.06
N ASP A 16 -1.20 -6.50 -2.07
CA ASP A 16 -0.49 -7.35 -3.03
C ASP A 16 -0.20 -6.58 -4.32
N TYR A 17 -1.09 -5.67 -4.68
CA TYR A 17 -0.93 -4.87 -5.89
C TYR A 17 0.46 -4.24 -5.93
N CYS A 18 0.76 -3.41 -4.94
CA CYS A 18 2.04 -2.73 -4.85
C CYS A 18 2.91 -3.35 -3.77
N GLY A 19 2.33 -3.54 -2.59
CA GLY A 19 3.07 -4.12 -1.48
C GLY A 19 3.14 -3.20 -0.29
N LYS A 20 2.13 -2.37 -0.12
CA LYS A 20 2.08 -1.43 0.99
C LYS A 20 1.49 -2.08 2.24
N ALA A 21 2.21 -1.98 3.34
CA ALA A 21 1.76 -2.56 4.61
C ALA A 21 0.95 -1.56 5.41
N PHE A 22 0.10 -2.06 6.31
CA PHE A 22 -0.73 -1.20 7.15
C PHE A 22 -1.08 -1.90 8.45
N GLY A 23 -0.94 -1.18 9.56
CA GLY A 23 -1.24 -1.74 10.87
C GLY A 23 -2.73 -1.92 11.08
N LEU A 24 -3.53 -1.06 10.46
CA LEU A 24 -4.98 -1.12 10.60
C LEU A 24 -5.61 -1.66 9.32
N SER A 25 -6.76 -2.33 9.47
CA SER A 25 -7.47 -2.89 8.33
C SER A 25 -8.00 -1.79 7.42
N ALA A 26 -8.83 -0.92 7.97
CA ALA A 26 -9.40 0.19 7.21
C ALA A 26 -8.33 0.89 6.37
N GLU A 27 -7.21 1.22 7.01
CA GLU A 27 -6.11 1.90 6.32
C GLU A 27 -5.84 1.25 4.97
N LEU A 28 -5.76 -0.08 4.96
CA LEU A 28 -5.51 -0.82 3.73
C LEU A 28 -6.63 -0.59 2.72
N VAL A 29 -7.86 -0.80 3.15
CA VAL A 29 -9.03 -0.62 2.29
C VAL A 29 -8.97 0.71 1.57
N ARG A 30 -8.66 1.77 2.32
CA ARG A 30 -8.58 3.11 1.75
C ARG A 30 -7.37 3.23 0.82
N HIS A 31 -6.34 2.43 1.08
CA HIS A 31 -5.13 2.45 0.27
C HIS A 31 -5.39 1.85 -1.10
N GLN A 32 -5.91 0.62 -1.12
CA GLN A 32 -6.20 -0.06 -2.37
C GLN A 32 -6.86 0.88 -3.37
N ARG A 33 -7.48 1.95 -2.86
CA ARG A 33 -8.15 2.93 -3.70
C ARG A 33 -7.21 3.42 -4.80
N ILE A 34 -5.96 3.65 -4.44
CA ILE A 34 -4.96 4.13 -5.39
C ILE A 34 -4.86 3.21 -6.60
N HIS A 35 -5.38 1.99 -6.44
CA HIS A 35 -5.35 1.01 -7.52
C HIS A 35 -6.64 1.07 -8.34
N THR A 36 -7.71 1.53 -7.72
CA THR A 36 -9.00 1.63 -8.40
C THR A 36 -9.34 3.08 -8.70
N GLY A 37 -9.03 3.51 -9.93
CA GLY A 37 -9.31 4.87 -10.33
C GLY A 37 -8.16 5.82 -10.05
N GLU A 38 -7.05 5.62 -10.77
CA GLU A 38 -5.87 6.47 -10.59
C GLU A 38 -5.81 7.55 -11.65
N LYS A 39 -5.11 8.64 -11.34
CA LYS A 39 -4.97 9.75 -12.28
C LYS A 39 -3.77 9.55 -13.19
N PRO A 40 -3.88 10.05 -14.43
CA PRO A 40 -2.82 9.95 -15.43
C PRO A 40 -1.61 10.81 -15.08
N SER A 41 -0.76 10.31 -14.18
CA SER A 41 0.43 11.04 -13.76
C SER A 41 1.34 10.16 -12.92
N GLY A 42 2.53 9.89 -13.43
CA GLY A 42 3.48 9.06 -12.71
C GLY A 42 4.83 8.99 -13.40
N PRO A 43 5.58 7.90 -13.13
CA PRO A 43 6.90 7.69 -13.72
C PRO A 43 6.83 7.39 -15.22
N SER A 44 7.94 6.91 -15.77
CA SER A 44 8.00 6.58 -17.19
C SER A 44 7.82 5.08 -17.40
N SER A 45 6.85 4.50 -16.71
CA SER A 45 6.58 3.07 -16.83
C SER A 45 5.29 2.83 -17.61
N GLY A 46 5.37 2.99 -18.93
CA GLY A 46 4.21 2.79 -19.77
C GLY A 46 3.03 3.65 -19.36
ZN ZN B . -1.27 -1.32 -2.96
N GLY A 1 11.38 -1.62 -11.94
CA GLY A 1 11.49 -2.22 -10.63
C GLY A 1 11.27 -1.22 -9.51
N SER A 2 10.48 -1.60 -8.52
CA SER A 2 10.18 -0.74 -7.39
C SER A 2 9.66 -1.54 -6.20
N SER A 3 10.29 -1.35 -5.04
CA SER A 3 9.89 -2.05 -3.84
C SER A 3 10.19 -1.22 -2.59
N GLY A 4 9.72 -1.69 -1.44
CA GLY A 4 9.95 -0.98 -0.20
C GLY A 4 10.78 -1.78 0.79
N SER A 5 10.30 -1.88 2.02
CA SER A 5 11.02 -2.62 3.05
C SER A 5 10.07 -3.06 4.17
N SER A 6 10.32 -4.24 4.72
CA SER A 6 9.48 -4.77 5.78
C SER A 6 9.86 -4.17 7.13
N GLY A 7 9.31 -2.98 7.41
CA GLY A 7 9.59 -2.31 8.66
C GLY A 7 9.40 -3.21 9.87
N SER A 8 10.23 -3.04 10.88
CA SER A 8 10.15 -3.85 12.09
C SER A 8 8.70 -4.16 12.44
N GLY A 9 8.28 -5.38 12.17
CA GLY A 9 6.91 -5.78 12.45
C GLY A 9 6.11 -6.06 11.20
N GLU A 10 5.93 -7.35 10.90
CA GLU A 10 5.18 -7.75 9.71
C GLU A 10 3.67 -7.56 9.93
N LYS A 11 3.16 -6.42 9.48
CA LYS A 11 1.74 -6.12 9.63
C LYS A 11 0.90 -7.12 8.84
N PRO A 12 -0.27 -7.49 9.41
CA PRO A 12 -1.19 -8.44 8.79
C PRO A 12 -1.88 -7.85 7.56
N TYR A 13 -1.92 -6.52 7.49
CA TYR A 13 -2.55 -5.84 6.36
C TYR A 13 -1.49 -5.29 5.41
N VAL A 14 -1.16 -6.07 4.39
CA VAL A 14 -0.17 -5.67 3.39
C VAL A 14 -0.77 -5.65 1.99
N CYS A 15 -0.80 -4.47 1.38
CA CYS A 15 -1.35 -4.32 0.03
C CYS A 15 -0.81 -5.40 -0.89
N ASP A 16 -1.70 -6.25 -1.39
CA ASP A 16 -1.32 -7.34 -2.28
C ASP A 16 -1.35 -6.87 -3.74
N TYR A 17 -1.11 -5.57 -3.95
CA TYR A 17 -1.11 -5.00 -5.29
C TYR A 17 0.24 -4.38 -5.62
N CYS A 18 0.76 -3.58 -4.70
CA CYS A 18 2.04 -2.91 -4.88
C CYS A 18 3.03 -3.33 -3.79
N GLY A 19 2.53 -3.45 -2.56
CA GLY A 19 3.38 -3.83 -1.45
C GLY A 19 3.55 -2.72 -0.43
N LYS A 20 2.70 -2.72 0.59
CA LYS A 20 2.76 -1.71 1.64
C LYS A 20 2.07 -2.19 2.90
N ALA A 21 2.75 -2.05 4.04
CA ALA A 21 2.21 -2.47 5.31
C ALA A 21 1.37 -1.37 5.94
N PHE A 22 0.31 -1.76 6.65
CA PHE A 22 -0.58 -0.81 7.30
C PHE A 22 -0.90 -1.24 8.73
N GLY A 23 -1.27 -2.51 8.88
CA GLY A 23 -1.60 -3.04 10.19
C GLY A 23 -3.06 -2.87 10.53
N LEU A 24 -3.77 -2.11 9.71
CA LEU A 24 -5.19 -1.86 9.92
C LEU A 24 -5.98 -1.98 8.62
N SER A 25 -7.14 -2.63 8.69
CA SER A 25 -7.97 -2.81 7.51
C SER A 25 -8.38 -1.47 6.91
N ALA A 26 -8.87 -0.57 7.77
CA ALA A 26 -9.30 0.74 7.32
C ALA A 26 -8.21 1.43 6.51
N GLU A 27 -6.99 1.43 7.04
CA GLU A 27 -5.85 2.06 6.37
C GLU A 27 -5.61 1.40 5.01
N LEU A 28 -5.47 0.08 5.01
CA LEU A 28 -5.23 -0.67 3.79
C LEU A 28 -6.30 -0.38 2.74
N VAL A 29 -7.56 -0.34 3.18
CA VAL A 29 -8.67 -0.06 2.29
C VAL A 29 -8.51 1.30 1.62
N ARG A 30 -8.28 2.32 2.43
CA ARG A 30 -8.11 3.68 1.92
C ARG A 30 -6.93 3.75 0.96
N HIS A 31 -6.09 2.72 0.99
CA HIS A 31 -4.92 2.67 0.11
C HIS A 31 -5.24 1.92 -1.18
N GLN A 32 -5.74 0.70 -1.05
CA GLN A 32 -6.09 -0.11 -2.20
C GLN A 32 -7.01 0.64 -3.15
N ARG A 33 -7.89 1.46 -2.58
CA ARG A 33 -8.84 2.24 -3.37
C ARG A 33 -8.12 2.93 -4.54
N ILE A 34 -6.81 3.09 -4.41
CA ILE A 34 -6.02 3.74 -5.44
C ILE A 34 -5.90 2.85 -6.68
N HIS A 35 -5.76 1.54 -6.46
CA HIS A 35 -5.64 0.59 -7.55
C HIS A 35 -7.01 0.28 -8.14
N THR A 36 -8.01 1.06 -7.77
CA THR A 36 -9.36 0.87 -8.27
C THR A 36 -10.09 2.20 -8.41
N GLY A 37 -10.96 2.29 -9.42
CA GLY A 37 -11.70 3.51 -9.66
C GLY A 37 -12.54 3.45 -10.92
N GLU A 38 -13.17 2.30 -11.14
CA GLU A 38 -14.01 2.11 -12.32
C GLU A 38 -13.27 2.53 -13.59
N LYS A 39 -12.00 2.16 -13.67
CA LYS A 39 -11.18 2.50 -14.84
C LYS A 39 -10.70 1.23 -15.54
N PRO A 40 -10.43 1.36 -16.86
CA PRO A 40 -9.96 0.25 -17.67
C PRO A 40 -8.54 -0.18 -17.33
N SER A 41 -8.40 -1.39 -16.79
CA SER A 41 -7.09 -1.91 -16.41
C SER A 41 -6.22 -2.14 -17.64
N GLY A 42 -6.73 -2.91 -18.59
CA GLY A 42 -5.99 -3.20 -19.80
C GLY A 42 -6.09 -2.08 -20.82
N PRO A 43 -5.02 -1.91 -21.62
CA PRO A 43 -4.97 -0.87 -22.65
C PRO A 43 -5.91 -1.15 -23.81
N SER A 44 -6.32 -2.42 -23.94
CA SER A 44 -7.23 -2.82 -25.01
C SER A 44 -8.55 -3.30 -24.45
N SER A 45 -9.51 -2.38 -24.33
CA SER A 45 -10.83 -2.71 -23.81
C SER A 45 -11.88 -1.77 -24.36
N GLY A 46 -13.15 -2.10 -24.11
CA GLY A 46 -14.24 -1.28 -24.60
C GLY A 46 -15.08 -1.99 -25.64
ZN ZN B . -1.03 -0.68 -3.15
N GLY A 1 22.18 9.46 -3.22
CA GLY A 1 22.39 8.65 -2.03
C GLY A 1 21.10 8.14 -1.43
N SER A 2 20.63 6.99 -1.94
CA SER A 2 19.40 6.39 -1.46
C SER A 2 19.66 5.02 -0.85
N SER A 3 19.62 4.95 0.47
CA SER A 3 19.86 3.70 1.18
C SER A 3 18.58 3.21 1.85
N GLY A 4 17.90 2.27 1.20
CA GLY A 4 16.68 1.73 1.74
C GLY A 4 15.84 2.77 2.45
N SER A 5 15.07 2.34 3.45
CA SER A 5 14.23 3.26 4.20
C SER A 5 14.62 3.28 5.68
N SER A 6 14.56 4.46 6.28
CA SER A 6 14.92 4.62 7.69
C SER A 6 13.74 4.24 8.59
N GLY A 7 13.60 2.95 8.85
CA GLY A 7 12.52 2.48 9.70
C GLY A 7 11.57 1.55 8.98
N SER A 8 11.58 0.28 9.36
CA SER A 8 10.71 -0.72 8.74
C SER A 8 9.30 -0.64 9.30
N GLY A 9 8.35 -1.20 8.56
CA GLY A 9 6.96 -1.19 9.01
C GLY A 9 6.26 -2.50 8.74
N GLU A 10 6.44 -3.46 9.63
CA GLU A 10 5.81 -4.77 9.48
C GLU A 10 4.38 -4.75 9.99
N LYS A 11 3.43 -5.01 9.10
CA LYS A 11 2.01 -5.02 9.46
C LYS A 11 1.32 -6.27 8.91
N PRO A 12 0.25 -6.71 9.59
CA PRO A 12 -0.52 -7.88 9.19
C PRO A 12 -1.32 -7.64 7.91
N TYR A 13 -1.83 -6.43 7.76
CA TYR A 13 -2.61 -6.07 6.58
C TYR A 13 -1.73 -5.40 5.52
N VAL A 14 -1.28 -6.20 4.55
CA VAL A 14 -0.44 -5.69 3.47
C VAL A 14 -1.17 -5.74 2.14
N CYS A 15 -1.06 -4.66 1.37
CA CYS A 15 -1.71 -4.58 0.07
C CYS A 15 -1.08 -5.56 -0.92
N ASP A 16 -1.90 -6.42 -1.50
CA ASP A 16 -1.43 -7.40 -2.46
C ASP A 16 -1.45 -6.84 -3.88
N TYR A 17 -1.28 -5.52 -3.99
CA TYR A 17 -1.28 -4.86 -5.28
C TYR A 17 0.06 -4.20 -5.56
N CYS A 18 0.60 -3.53 -4.55
CA CYS A 18 1.89 -2.84 -4.69
C CYS A 18 2.92 -3.46 -3.76
N GLY A 19 2.53 -3.68 -2.50
CA GLY A 19 3.44 -4.27 -1.53
C GLY A 19 3.65 -3.38 -0.32
N LYS A 20 2.59 -2.70 0.09
CA LYS A 20 2.65 -1.81 1.26
C LYS A 20 2.00 -2.45 2.48
N ALA A 21 2.52 -2.14 3.65
CA ALA A 21 1.99 -2.69 4.90
C ALA A 21 1.12 -1.66 5.61
N PHE A 22 0.11 -2.15 6.32
CA PHE A 22 -0.80 -1.27 7.05
C PHE A 22 -1.13 -1.85 8.42
N GLY A 23 -0.94 -1.05 9.46
CA GLY A 23 -1.22 -1.49 10.81
C GLY A 23 -2.70 -1.69 11.06
N LEU A 24 -3.53 -1.05 10.25
CA LEU A 24 -4.98 -1.16 10.39
C LEU A 24 -5.61 -1.64 9.09
N SER A 25 -6.69 -2.41 9.22
CA SER A 25 -7.39 -2.94 8.06
C SER A 25 -7.93 -1.81 7.18
N ALA A 26 -8.74 -0.94 7.79
CA ALA A 26 -9.32 0.18 7.06
C ALA A 26 -8.25 0.98 6.31
N GLU A 27 -7.11 1.19 6.97
CA GLU A 27 -6.01 1.93 6.36
C GLU A 27 -5.62 1.31 5.02
N LEU A 28 -5.74 0.00 4.92
CA LEU A 28 -5.41 -0.72 3.69
C LEU A 28 -6.49 -0.53 2.64
N VAL A 29 -7.72 -0.88 3.01
CA VAL A 29 -8.86 -0.75 2.09
C VAL A 29 -8.93 0.65 1.51
N ARG A 30 -8.73 1.65 2.34
CA ARG A 30 -8.77 3.04 1.91
C ARG A 30 -7.61 3.35 0.97
N HIS A 31 -6.55 2.56 1.06
CA HIS A 31 -5.38 2.75 0.22
C HIS A 31 -5.59 2.10 -1.15
N GLN A 32 -6.04 0.86 -1.16
CA GLN A 32 -6.28 0.14 -2.40
C GLN A 32 -7.02 1.02 -3.41
N ARG A 33 -7.70 2.05 -2.90
CA ARG A 33 -8.45 2.96 -3.76
C ARG A 33 -7.59 3.48 -4.89
N ILE A 34 -6.34 3.80 -4.59
CA ILE A 34 -5.41 4.31 -5.59
C ILE A 34 -5.14 3.26 -6.67
N HIS A 35 -5.44 2.01 -6.35
CA HIS A 35 -5.23 0.91 -7.29
C HIS A 35 -6.48 0.68 -8.13
N THR A 36 -7.59 1.23 -7.69
CA THR A 36 -8.87 1.08 -8.41
C THR A 36 -9.37 2.43 -8.92
N GLY A 37 -8.89 2.83 -10.09
CA GLY A 37 -9.31 4.09 -10.67
C GLY A 37 -8.23 4.72 -11.52
N GLU A 38 -8.06 4.20 -12.73
CA GLU A 38 -7.05 4.72 -13.65
C GLU A 38 -7.63 5.81 -14.54
N LYS A 39 -8.96 5.82 -14.66
CA LYS A 39 -9.65 6.81 -15.49
C LYS A 39 -10.67 7.58 -14.67
N PRO A 40 -10.91 8.84 -15.05
CA PRO A 40 -11.88 9.71 -14.37
C PRO A 40 -13.31 9.27 -14.60
N SER A 41 -13.52 8.45 -15.62
CA SER A 41 -14.85 7.95 -15.95
C SER A 41 -15.02 6.50 -15.51
N GLY A 42 -16.11 6.23 -14.81
CA GLY A 42 -16.38 4.88 -14.32
C GLY A 42 -17.62 4.28 -14.95
N PRO A 43 -17.56 4.01 -16.26
CA PRO A 43 -18.68 3.43 -17.00
C PRO A 43 -18.94 1.98 -16.62
N SER A 44 -18.01 1.40 -15.87
CA SER A 44 -18.13 0.01 -15.44
C SER A 44 -17.67 -0.15 -14.00
N SER A 45 -18.20 -1.17 -13.33
CA SER A 45 -17.85 -1.44 -11.94
C SER A 45 -18.25 -0.27 -11.04
N GLY A 46 -19.43 0.30 -11.30
CA GLY A 46 -19.92 1.41 -10.52
C GLY A 46 -21.38 1.71 -10.76
ZN ZN B . -1.25 -0.89 -2.80
N GLY A 1 10.77 -12.43 4.28
CA GLY A 1 12.21 -12.53 4.02
C GLY A 1 13.04 -12.10 5.21
N SER A 2 13.81 -13.04 5.77
CA SER A 2 14.65 -12.74 6.92
C SER A 2 15.77 -13.76 7.05
N SER A 3 16.99 -13.33 6.72
CA SER A 3 18.15 -14.21 6.79
C SER A 3 18.02 -15.20 7.96
N GLY A 4 17.64 -14.68 9.12
CA GLY A 4 17.50 -15.51 10.30
C GLY A 4 17.03 -14.73 11.51
N SER A 5 17.68 -13.60 11.77
CA SER A 5 17.34 -12.78 12.92
C SER A 5 15.83 -12.72 13.12
N SER A 6 15.38 -13.15 14.29
CA SER A 6 13.96 -13.16 14.61
C SER A 6 13.50 -11.79 15.11
N GLY A 7 13.87 -10.75 14.38
CA GLY A 7 13.49 -9.40 14.75
C GLY A 7 11.98 -9.21 14.80
N SER A 8 11.55 -7.97 14.99
CA SER A 8 10.13 -7.66 15.07
C SER A 8 9.82 -6.38 14.29
N GLY A 9 8.54 -6.19 13.96
CA GLY A 9 8.13 -5.00 13.23
C GLY A 9 7.56 -5.34 11.87
N GLU A 10 6.34 -5.87 11.84
CA GLU A 10 5.69 -6.23 10.60
C GLU A 10 4.18 -6.09 10.70
N LYS A 11 3.58 -5.42 9.73
CA LYS A 11 2.13 -5.21 9.71
C LYS A 11 1.42 -6.38 9.06
N PRO A 12 0.25 -6.74 9.60
CA PRO A 12 -0.56 -7.85 9.07
C PRO A 12 -1.17 -7.52 7.72
N TYR A 13 -1.83 -6.38 7.62
CA TYR A 13 -2.46 -5.95 6.38
C TYR A 13 -1.41 -5.48 5.37
N VAL A 14 -1.11 -6.33 4.40
CA VAL A 14 -0.13 -6.00 3.36
C VAL A 14 -0.76 -6.00 1.98
N CYS A 15 -0.92 -4.82 1.40
CA CYS A 15 -1.51 -4.68 0.08
C CYS A 15 -0.76 -5.54 -0.94
N ASP A 16 -1.43 -6.57 -1.45
CA ASP A 16 -0.84 -7.46 -2.43
C ASP A 16 -0.74 -6.78 -3.80
N TYR A 17 -1.45 -5.67 -3.96
CA TYR A 17 -1.46 -4.93 -5.21
C TYR A 17 -0.07 -4.34 -5.48
N CYS A 18 0.38 -3.48 -4.57
CA CYS A 18 1.68 -2.84 -4.71
C CYS A 18 2.69 -3.45 -3.75
N GLY A 19 2.22 -3.86 -2.58
CA GLY A 19 3.10 -4.46 -1.60
C GLY A 19 3.38 -3.54 -0.42
N LYS A 20 2.37 -2.79 -0.01
CA LYS A 20 2.50 -1.87 1.10
C LYS A 20 2.04 -2.52 2.41
N ALA A 21 2.28 -1.83 3.52
CA ALA A 21 1.88 -2.33 4.83
C ALA A 21 0.96 -1.35 5.55
N PHE A 22 0.15 -1.87 6.46
CA PHE A 22 -0.79 -1.03 7.21
C PHE A 22 -1.23 -1.73 8.50
N GLY A 23 -1.06 -1.05 9.63
CA GLY A 23 -1.46 -1.63 10.89
C GLY A 23 -2.96 -1.75 11.05
N LEU A 24 -3.69 -0.77 10.54
CA LEU A 24 -5.14 -0.78 10.61
C LEU A 24 -5.75 -1.27 9.30
N SER A 25 -6.67 -2.22 9.41
CA SER A 25 -7.34 -2.78 8.24
C SER A 25 -7.86 -1.68 7.33
N ALA A 26 -8.72 -0.82 7.87
CA ALA A 26 -9.29 0.28 7.11
C ALA A 26 -8.25 0.90 6.19
N GLU A 27 -7.14 1.37 6.77
CA GLU A 27 -6.08 1.98 6.00
C GLU A 27 -5.87 1.25 4.67
N LEU A 28 -5.77 -0.07 4.75
CA LEU A 28 -5.57 -0.89 3.56
C LEU A 28 -6.76 -0.77 2.60
N VAL A 29 -7.96 -0.95 3.15
CA VAL A 29 -9.18 -0.86 2.35
C VAL A 29 -9.26 0.47 1.62
N ARG A 30 -8.88 1.54 2.31
CA ARG A 30 -8.92 2.88 1.74
C ARG A 30 -7.70 3.12 0.86
N HIS A 31 -6.60 2.45 1.18
CA HIS A 31 -5.36 2.59 0.42
C HIS A 31 -5.51 1.97 -0.98
N GLN A 32 -5.85 0.69 -1.01
CA GLN A 32 -6.01 -0.02 -2.27
C GLN A 32 -6.72 0.86 -3.30
N ARG A 33 -7.50 1.81 -2.82
CA ARG A 33 -8.23 2.72 -3.69
C ARG A 33 -7.30 3.33 -4.74
N ILE A 34 -6.12 3.76 -4.31
CA ILE A 34 -5.14 4.35 -5.20
C ILE A 34 -4.92 3.48 -6.43
N HIS A 35 -5.26 2.21 -6.32
CA HIS A 35 -5.10 1.27 -7.42
C HIS A 35 -6.32 1.29 -8.34
N THR A 36 -7.48 1.62 -7.76
CA THR A 36 -8.72 1.67 -8.52
C THR A 36 -8.96 3.06 -9.08
N GLY A 37 -9.09 4.04 -8.19
CA GLY A 37 -9.31 5.40 -8.63
C GLY A 37 -10.50 5.53 -9.57
N GLU A 38 -10.64 6.69 -10.19
CA GLU A 38 -11.74 6.94 -11.11
C GLU A 38 -11.32 6.67 -12.55
N LYS A 39 -11.14 5.39 -12.88
CA LYS A 39 -10.74 5.00 -14.23
C LYS A 39 -11.62 3.87 -14.75
N PRO A 40 -11.96 3.94 -16.04
CA PRO A 40 -12.80 2.93 -16.70
C PRO A 40 -12.08 1.59 -16.86
N SER A 41 -10.79 1.58 -16.55
CA SER A 41 -10.00 0.37 -16.65
C SER A 41 -10.16 -0.51 -15.42
N GLY A 42 -11.38 -0.58 -14.90
CA GLY A 42 -11.65 -1.38 -13.72
C GLY A 42 -13.08 -1.86 -13.66
N PRO A 43 -13.32 -2.95 -12.91
CA PRO A 43 -14.65 -3.54 -12.76
C PRO A 43 -15.58 -2.65 -11.94
N SER A 44 -16.40 -1.87 -12.62
CA SER A 44 -17.34 -0.98 -11.96
C SER A 44 -18.78 -1.48 -12.11
N SER A 45 -18.97 -2.78 -11.91
CA SER A 45 -20.29 -3.38 -12.03
C SER A 45 -20.75 -3.96 -10.70
N GLY A 46 -22.06 -3.99 -10.49
CA GLY A 46 -22.61 -4.52 -9.26
C GLY A 46 -23.39 -3.47 -8.48
ZN ZN B . -1.44 -0.93 -2.66
N GLY A 1 11.32 3.74 -4.07
CA GLY A 1 10.32 3.88 -3.02
C GLY A 1 10.94 3.93 -1.64
N SER A 2 11.55 5.06 -1.31
CA SER A 2 12.20 5.24 -0.01
C SER A 2 11.32 6.07 0.93
N SER A 3 10.95 5.48 2.05
CA SER A 3 10.11 6.15 3.03
C SER A 3 10.26 5.53 4.41
N GLY A 4 10.91 6.26 5.32
CA GLY A 4 11.12 5.77 6.67
C GLY A 4 11.51 4.31 6.69
N SER A 5 12.83 4.06 6.66
CA SER A 5 13.34 2.70 6.67
C SER A 5 13.46 2.17 8.10
N SER A 6 12.40 1.54 8.59
CA SER A 6 12.38 1.00 9.94
C SER A 6 12.23 -0.52 9.91
N GLY A 7 11.15 -0.99 9.28
CA GLY A 7 10.90 -2.42 9.20
C GLY A 7 10.84 -3.07 10.56
N SER A 8 10.15 -2.42 11.49
CA SER A 8 10.02 -2.94 12.85
C SER A 8 8.66 -3.62 13.04
N GLY A 9 8.57 -4.88 12.66
CA GLY A 9 7.33 -5.62 12.81
C GLY A 9 6.36 -5.34 11.67
N GLU A 10 6.71 -5.81 10.48
CA GLU A 10 5.87 -5.60 9.31
C GLU A 10 4.39 -5.71 9.66
N LYS A 11 3.61 -4.71 9.26
CA LYS A 11 2.18 -4.69 9.54
C LYS A 11 1.51 -5.98 9.08
N PRO A 12 0.40 -6.35 9.74
CA PRO A 12 -0.35 -7.56 9.40
C PRO A 12 -1.07 -7.44 8.06
N TYR A 13 -1.57 -6.26 7.76
CA TYR A 13 -2.27 -6.02 6.50
C TYR A 13 -1.31 -5.58 5.41
N VAL A 14 -1.22 -6.37 4.35
CA VAL A 14 -0.33 -6.05 3.23
C VAL A 14 -1.11 -5.97 1.93
N CYS A 15 -0.95 -4.85 1.22
CA CYS A 15 -1.64 -4.65 -0.04
C CYS A 15 -1.18 -5.66 -1.09
N ASP A 16 -2.10 -6.53 -1.49
CA ASP A 16 -1.80 -7.56 -2.48
C ASP A 16 -1.86 -6.98 -3.90
N TYR A 17 -1.31 -5.78 -4.07
CA TYR A 17 -1.30 -5.12 -5.36
C TYR A 17 0.07 -4.53 -5.67
N CYS A 18 0.58 -3.73 -4.74
CA CYS A 18 1.88 -3.10 -4.91
C CYS A 18 2.89 -3.67 -3.91
N GLY A 19 2.46 -3.82 -2.66
CA GLY A 19 3.34 -4.34 -1.63
C GLY A 19 3.55 -3.36 -0.50
N LYS A 20 2.45 -2.87 0.07
CA LYS A 20 2.53 -1.92 1.18
C LYS A 20 2.09 -2.57 2.48
N ALA A 21 2.27 -1.85 3.59
CA ALA A 21 1.88 -2.35 4.90
C ALA A 21 0.94 -1.38 5.61
N PHE A 22 0.04 -1.93 6.42
CA PHE A 22 -0.92 -1.11 7.15
C PHE A 22 -1.29 -1.76 8.48
N GLY A 23 -1.27 -0.98 9.55
CA GLY A 23 -1.61 -1.50 10.86
C GLY A 23 -3.10 -1.72 11.03
N LEU A 24 -3.89 -0.83 10.45
CA LEU A 24 -5.35 -0.92 10.54
C LEU A 24 -5.94 -1.48 9.26
N SER A 25 -6.97 -2.30 9.39
CA SER A 25 -7.63 -2.90 8.23
C SER A 25 -8.17 -1.83 7.30
N ALA A 26 -8.81 -0.81 7.88
CA ALA A 26 -9.39 0.28 7.10
C ALA A 26 -8.31 0.98 6.27
N GLU A 27 -7.15 1.20 6.87
CA GLU A 27 -6.04 1.86 6.19
C GLU A 27 -5.73 1.16 4.87
N LEU A 28 -5.70 -0.17 4.89
CA LEU A 28 -5.41 -0.96 3.71
C LEU A 28 -6.54 -0.84 2.69
N VAL A 29 -7.78 -0.92 3.17
CA VAL A 29 -8.94 -0.81 2.30
C VAL A 29 -8.97 0.53 1.59
N ARG A 30 -8.77 1.60 2.34
CA ARG A 30 -8.78 2.95 1.78
C ARG A 30 -7.62 3.14 0.81
N HIS A 31 -6.47 2.58 1.15
CA HIS A 31 -5.28 2.69 0.30
C HIS A 31 -5.53 2.05 -1.06
N GLN A 32 -5.89 0.78 -1.05
CA GLN A 32 -6.16 0.05 -2.29
C GLN A 32 -6.83 0.97 -3.32
N ARG A 33 -7.61 1.92 -2.83
CA ARG A 33 -8.30 2.86 -3.70
C ARG A 33 -7.37 3.41 -4.78
N ILE A 34 -6.18 3.85 -4.35
CA ILE A 34 -5.20 4.39 -5.28
C ILE A 34 -5.10 3.55 -6.54
N HIS A 35 -5.29 2.23 -6.39
CA HIS A 35 -5.22 1.32 -7.52
C HIS A 35 -6.55 1.30 -8.28
N THR A 36 -7.64 1.56 -7.57
CA THR A 36 -8.96 1.57 -8.18
C THR A 36 -9.93 2.45 -7.39
N GLY A 37 -10.41 3.51 -8.02
CA GLY A 37 -11.33 4.42 -7.36
C GLY A 37 -10.79 5.83 -7.27
N GLU A 38 -10.16 6.30 -8.34
CA GLU A 38 -9.59 7.64 -8.38
C GLU A 38 -9.07 7.98 -9.76
N LYS A 39 -8.75 9.25 -9.98
CA LYS A 39 -8.24 9.71 -11.26
C LYS A 39 -7.00 8.93 -11.66
N PRO A 40 -6.86 8.67 -12.97
CA PRO A 40 -5.72 7.92 -13.52
C PRO A 40 -4.42 8.72 -13.44
N SER A 41 -3.40 8.11 -12.85
CA SER A 41 -2.10 8.76 -12.72
C SER A 41 -1.01 7.96 -13.41
N GLY A 42 -0.97 6.65 -13.13
CA GLY A 42 0.02 5.79 -13.73
C GLY A 42 -0.05 4.36 -13.23
N PRO A 43 -1.06 3.62 -13.72
CA PRO A 43 -1.28 2.22 -13.32
C PRO A 43 -0.20 1.29 -13.87
N SER A 44 0.18 1.51 -15.12
CA SER A 44 1.20 0.69 -15.77
C SER A 44 2.56 0.91 -15.12
N SER A 45 3.23 -0.19 -14.75
CA SER A 45 4.53 -0.11 -14.11
C SER A 45 5.62 -0.62 -15.06
N GLY A 46 5.45 -1.85 -15.53
CA GLY A 46 6.42 -2.45 -16.43
C GLY A 46 6.15 -2.11 -17.88
ZN ZN B . -1.16 -0.85 -2.94
N GLY A 1 23.88 -2.76 -4.77
CA GLY A 1 23.53 -3.87 -3.90
C GLY A 1 24.02 -3.66 -2.48
N SER A 2 23.22 -2.97 -1.67
CA SER A 2 23.58 -2.70 -0.28
C SER A 2 22.36 -2.27 0.52
N SER A 3 21.97 -3.11 1.48
CA SER A 3 20.81 -2.82 2.31
C SER A 3 20.65 -3.87 3.42
N GLY A 4 19.69 -3.66 4.30
CA GLY A 4 19.45 -4.60 5.38
C GLY A 4 17.98 -4.69 5.76
N SER A 5 17.70 -5.33 6.88
CA SER A 5 16.34 -5.49 7.36
C SER A 5 16.19 -4.97 8.78
N SER A 6 15.65 -3.77 8.92
CA SER A 6 15.45 -3.16 10.23
C SER A 6 13.98 -2.86 10.48
N GLY A 7 13.26 -3.85 10.98
CA GLY A 7 11.84 -3.68 11.25
C GLY A 7 11.24 -4.88 11.97
N SER A 8 11.46 -4.96 13.28
CA SER A 8 10.95 -6.07 14.07
C SER A 8 9.43 -6.13 13.99
N GLY A 9 8.91 -7.27 13.53
CA GLY A 9 7.48 -7.44 13.41
C GLY A 9 6.90 -6.63 12.27
N GLU A 10 6.07 -7.27 11.45
CA GLU A 10 5.45 -6.59 10.31
C GLU A 10 3.95 -6.41 10.54
N LYS A 11 3.28 -5.75 9.60
CA LYS A 11 1.85 -5.52 9.69
C LYS A 11 1.07 -6.62 8.96
N PRO A 12 -0.09 -7.00 9.54
CA PRO A 12 -0.95 -8.03 8.97
C PRO A 12 -1.62 -7.58 7.66
N TYR A 13 -2.03 -6.32 7.63
CA TYR A 13 -2.69 -5.76 6.45
C TYR A 13 -1.66 -5.20 5.47
N VAL A 14 -1.28 -6.02 4.48
CA VAL A 14 -0.30 -5.60 3.49
C VAL A 14 -0.88 -5.71 2.08
N CYS A 15 -0.86 -4.59 1.35
CA CYS A 15 -1.38 -4.56 -0.01
C CYS A 15 -0.64 -5.56 -0.90
N ASP A 16 -1.37 -6.56 -1.38
CA ASP A 16 -0.80 -7.58 -2.24
C ASP A 16 -0.69 -7.09 -3.69
N TYR A 17 -1.09 -5.84 -3.90
CA TYR A 17 -1.05 -5.25 -5.23
C TYR A 17 0.31 -4.61 -5.50
N CYS A 18 0.75 -3.75 -4.58
CA CYS A 18 2.03 -3.07 -4.72
C CYS A 18 3.04 -3.61 -3.71
N GLY A 19 2.62 -3.69 -2.46
CA GLY A 19 3.50 -4.19 -1.41
C GLY A 19 3.64 -3.21 -0.25
N LYS A 20 2.53 -2.61 0.15
CA LYS A 20 2.53 -1.65 1.25
C LYS A 20 1.98 -2.29 2.52
N ALA A 21 2.58 -1.95 3.66
CA ALA A 21 2.15 -2.48 4.94
C ALA A 21 1.21 -1.50 5.65
N PHE A 22 0.33 -2.04 6.48
CA PHE A 22 -0.62 -1.22 7.22
C PHE A 22 -1.06 -1.92 8.50
N GLY A 23 -0.98 -1.19 9.62
CA GLY A 23 -1.37 -1.75 10.90
C GLY A 23 -2.85 -1.56 11.20
N LEU A 24 -3.66 -1.57 10.14
CA LEU A 24 -5.11 -1.39 10.29
C LEU A 24 -5.82 -1.74 8.99
N SER A 25 -6.95 -2.45 9.12
CA SER A 25 -7.74 -2.84 7.96
C SER A 25 -8.14 -1.61 7.13
N ALA A 26 -8.76 -0.65 7.78
CA ALA A 26 -9.20 0.57 7.11
C ALA A 26 -8.05 1.20 6.32
N GLU A 27 -6.88 1.28 6.96
CA GLU A 27 -5.71 1.86 6.32
C GLU A 27 -5.45 1.21 4.96
N LEU A 28 -5.53 -0.11 4.93
CA LEU A 28 -5.30 -0.85 3.69
C LEU A 28 -6.43 -0.61 2.68
N VAL A 29 -7.65 -0.95 3.09
CA VAL A 29 -8.82 -0.75 2.23
C VAL A 29 -8.83 0.64 1.62
N ARG A 30 -8.61 1.65 2.45
CA ARG A 30 -8.59 3.03 1.99
C ARG A 30 -7.49 3.26 0.96
N HIS A 31 -6.39 2.51 1.10
CA HIS A 31 -5.26 2.63 0.18
C HIS A 31 -5.61 2.01 -1.17
N GLN A 32 -6.08 0.77 -1.15
CA GLN A 32 -6.45 0.06 -2.37
C GLN A 32 -7.18 0.99 -3.33
N ARG A 33 -7.80 2.03 -2.80
CA ARG A 33 -8.53 2.99 -3.60
C ARG A 33 -7.69 3.46 -4.78
N ILE A 34 -6.42 3.74 -4.52
CA ILE A 34 -5.50 4.20 -5.55
C ILE A 34 -5.37 3.16 -6.67
N HIS A 35 -5.56 1.90 -6.32
CA HIS A 35 -5.47 0.81 -7.29
C HIS A 35 -6.78 0.64 -8.04
N THR A 36 -7.82 1.31 -7.56
CA THR A 36 -9.14 1.23 -8.18
C THR A 36 -9.66 2.61 -8.55
N GLY A 37 -10.83 2.66 -9.18
CA GLY A 37 -11.42 3.92 -9.57
C GLY A 37 -11.23 4.22 -11.05
N GLU A 38 -10.39 5.21 -11.35
CA GLU A 38 -10.13 5.60 -12.73
C GLU A 38 -10.04 4.36 -13.63
N LYS A 39 -11.01 4.23 -14.53
CA LYS A 39 -11.04 3.09 -15.45
C LYS A 39 -10.81 3.56 -16.88
N PRO A 40 -9.57 3.99 -17.17
CA PRO A 40 -9.19 4.46 -18.50
C PRO A 40 -9.14 3.33 -19.53
N SER A 41 -10.22 3.17 -20.29
CA SER A 41 -10.29 2.12 -21.29
C SER A 41 -9.09 2.18 -22.23
N GLY A 42 -8.83 1.07 -22.91
CA GLY A 42 -7.70 1.02 -23.83
C GLY A 42 -6.37 1.24 -23.14
N PRO A 43 -5.28 1.05 -23.88
CA PRO A 43 -3.92 1.22 -23.35
C PRO A 43 -3.58 2.68 -23.08
N SER A 44 -2.42 2.93 -22.50
CA SER A 44 -1.98 4.28 -22.19
C SER A 44 -0.46 4.35 -22.07
N SER A 45 0.11 5.43 -22.60
CA SER A 45 1.56 5.62 -22.56
C SER A 45 2.13 5.20 -21.21
N GLY A 46 3.06 4.27 -21.22
CA GLY A 46 3.68 3.80 -19.99
C GLY A 46 3.24 2.39 -19.63
ZN ZN B . -1.19 -0.99 -3.03
N GLY A 1 23.95 10.81 0.15
CA GLY A 1 23.96 9.42 0.55
C GLY A 1 22.68 9.01 1.24
N SER A 2 22.37 9.67 2.35
CA SER A 2 21.17 9.37 3.12
C SER A 2 20.89 7.87 3.13
N SER A 3 21.95 7.07 3.30
CA SER A 3 21.83 5.63 3.33
C SER A 3 21.90 5.10 4.76
N GLY A 4 21.28 3.94 5.00
CA GLY A 4 21.29 3.36 6.33
C GLY A 4 19.92 3.34 6.95
N SER A 5 18.91 2.90 6.19
CA SER A 5 17.55 2.85 6.68
C SER A 5 17.33 1.60 7.54
N SER A 6 16.62 1.78 8.65
CA SER A 6 16.33 0.67 9.56
C SER A 6 15.31 -0.29 8.96
N GLY A 7 15.57 -1.59 9.12
CA GLY A 7 14.66 -2.59 8.58
C GLY A 7 13.51 -2.89 9.53
N SER A 8 12.75 -1.86 9.88
CA SER A 8 11.62 -2.04 10.79
C SER A 8 10.31 -1.63 10.11
N GLY A 9 9.20 -1.90 10.79
CA GLY A 9 7.90 -1.56 10.23
C GLY A 9 7.11 -2.79 9.81
N GLU A 10 6.81 -3.65 10.77
CA GLU A 10 6.06 -4.87 10.49
C GLU A 10 4.56 -4.64 10.64
N LYS A 11 3.78 -5.09 9.67
CA LYS A 11 2.34 -4.94 9.69
C LYS A 11 1.64 -6.18 9.13
N PRO A 12 0.49 -6.53 9.72
CA PRO A 12 -0.30 -7.68 9.29
C PRO A 12 -0.94 -7.48 7.93
N TYR A 13 -1.64 -6.36 7.78
CA TYR A 13 -2.31 -6.03 6.52
C TYR A 13 -1.30 -5.62 5.46
N VAL A 14 -1.18 -6.44 4.41
CA VAL A 14 -0.25 -6.15 3.32
C VAL A 14 -0.97 -6.16 1.97
N CYS A 15 -1.12 -4.98 1.38
CA CYS A 15 -1.79 -4.86 0.09
C CYS A 15 -1.27 -5.89 -0.89
N ASP A 16 -2.19 -6.56 -1.58
CA ASP A 16 -1.83 -7.58 -2.56
C ASP A 16 -1.79 -6.99 -3.97
N TYR A 17 -1.43 -5.71 -4.07
CA TYR A 17 -1.35 -5.04 -5.36
C TYR A 17 0.04 -4.44 -5.59
N CYS A 18 0.45 -3.57 -4.67
CA CYS A 18 1.75 -2.92 -4.76
C CYS A 18 2.72 -3.50 -3.74
N GLY A 19 2.27 -3.61 -2.49
CA GLY A 19 3.11 -4.14 -1.44
C GLY A 19 3.21 -3.21 -0.25
N LYS A 20 2.21 -2.36 -0.08
CA LYS A 20 2.19 -1.41 1.03
C LYS A 20 1.59 -2.05 2.28
N ALA A 21 2.29 -1.93 3.40
CA ALA A 21 1.83 -2.49 4.67
C ALA A 21 1.00 -1.47 5.44
N PHE A 22 0.11 -1.97 6.29
CA PHE A 22 -0.74 -1.10 7.10
C PHE A 22 -1.00 -1.72 8.47
N GLY A 23 -1.00 -0.87 9.50
CA GLY A 23 -1.24 -1.35 10.85
C GLY A 23 -2.70 -1.61 11.13
N LEU A 24 -3.57 -0.98 10.34
CA LEU A 24 -5.01 -1.14 10.51
C LEU A 24 -5.63 -1.78 9.28
N SER A 25 -6.85 -2.29 9.44
CA SER A 25 -7.56 -2.93 8.34
C SER A 25 -8.23 -1.89 7.43
N ALA A 26 -8.73 -0.83 8.05
CA ALA A 26 -9.40 0.24 7.32
C ALA A 26 -8.41 0.98 6.42
N GLU A 27 -7.22 1.24 6.95
CA GLU A 27 -6.19 1.95 6.20
C GLU A 27 -5.93 1.27 4.86
N LEU A 28 -5.79 -0.05 4.88
CA LEU A 28 -5.54 -0.82 3.67
C LEU A 28 -6.65 -0.59 2.64
N VAL A 29 -7.89 -0.82 3.07
CA VAL A 29 -9.04 -0.64 2.19
C VAL A 29 -9.00 0.72 1.51
N ARG A 30 -8.73 1.76 2.28
CA ARG A 30 -8.65 3.11 1.74
C ARG A 30 -7.43 3.28 0.84
N HIS A 31 -6.42 2.44 1.06
CA HIS A 31 -5.20 2.49 0.27
C HIS A 31 -5.40 1.86 -1.10
N GLN A 32 -5.91 0.63 -1.11
CA GLN A 32 -6.15 -0.08 -2.36
C GLN A 32 -6.81 0.84 -3.39
N ARG A 33 -7.48 1.88 -2.91
CA ARG A 33 -8.16 2.82 -3.77
C ARG A 33 -7.21 3.38 -4.83
N ILE A 34 -6.00 3.72 -4.40
CA ILE A 34 -4.99 4.26 -5.30
C ILE A 34 -4.85 3.41 -6.55
N HIS A 35 -5.17 2.12 -6.43
CA HIS A 35 -5.09 1.19 -7.55
C HIS A 35 -6.36 1.25 -8.39
N THR A 36 -7.47 1.61 -7.75
CA THR A 36 -8.75 1.70 -8.44
C THR A 36 -9.63 2.77 -7.82
N GLY A 37 -10.13 3.67 -8.67
CA GLY A 37 -10.98 4.75 -8.18
C GLY A 37 -10.70 6.07 -8.86
N GLU A 38 -9.75 6.83 -8.30
CA GLU A 38 -9.38 8.12 -8.86
C GLU A 38 -8.28 7.97 -9.91
N LYS A 39 -8.61 8.28 -11.15
CA LYS A 39 -7.65 8.19 -12.24
C LYS A 39 -6.28 8.73 -11.83
N PRO A 40 -5.22 8.04 -12.23
CA PRO A 40 -3.84 8.42 -11.91
C PRO A 40 -3.41 9.70 -12.65
N SER A 41 -3.58 10.84 -11.99
CA SER A 41 -3.22 12.12 -12.58
C SER A 41 -1.80 12.51 -12.19
N GLY A 42 -0.88 12.44 -13.14
CA GLY A 42 0.51 12.80 -12.88
C GLY A 42 1.27 11.68 -12.20
N PRO A 43 2.58 11.63 -12.44
CA PRO A 43 3.46 10.61 -11.86
C PRO A 43 3.64 10.79 -10.36
N SER A 44 2.74 10.20 -9.58
CA SER A 44 2.80 10.29 -8.13
C SER A 44 3.12 8.93 -7.50
N SER A 45 3.19 8.91 -6.17
CA SER A 45 3.49 7.67 -5.45
C SER A 45 4.85 7.12 -5.87
N GLY A 46 5.87 7.98 -5.84
CA GLY A 46 7.20 7.56 -6.22
C GLY A 46 8.17 7.58 -5.04
ZN ZN B . -1.30 -1.26 -2.87
N GLY A 1 19.66 12.51 0.04
CA GLY A 1 20.62 12.71 1.11
C GLY A 1 20.26 11.95 2.37
N SER A 2 20.09 10.63 2.23
CA SER A 2 19.74 9.79 3.37
C SER A 2 20.96 9.51 4.24
N SER A 3 20.82 9.78 5.53
CA SER A 3 21.91 9.56 6.48
C SER A 3 21.56 8.47 7.49
N GLY A 4 20.38 8.61 8.11
CA GLY A 4 19.93 7.64 9.08
C GLY A 4 18.70 6.88 8.63
N SER A 5 18.78 5.55 8.66
CA SER A 5 17.66 4.71 8.25
C SER A 5 17.83 3.29 8.75
N SER A 6 16.73 2.67 9.15
CA SER A 6 16.76 1.29 9.67
C SER A 6 15.48 0.56 9.32
N GLY A 7 15.50 -0.76 9.46
CA GLY A 7 14.33 -1.57 9.16
C GLY A 7 13.71 -2.18 10.40
N SER A 8 12.79 -1.45 11.02
CA SER A 8 12.12 -1.93 12.23
C SER A 8 10.66 -1.50 12.25
N GLY A 9 9.80 -2.39 12.72
CA GLY A 9 8.38 -2.08 12.78
C GLY A 9 7.63 -2.57 11.56
N GLU A 10 6.95 -3.71 11.69
CA GLU A 10 6.20 -4.28 10.58
C GLU A 10 4.70 -4.17 10.83
N LYS A 11 3.90 -4.61 9.86
CA LYS A 11 2.45 -4.55 9.98
C LYS A 11 1.82 -5.87 9.54
N PRO A 12 0.68 -6.22 10.15
CA PRO A 12 -0.06 -7.45 9.84
C PRO A 12 -0.69 -7.40 8.45
N TYR A 13 -1.35 -6.30 8.13
CA TYR A 13 -2.01 -6.12 6.84
C TYR A 13 -1.01 -5.72 5.78
N VAL A 14 -1.26 -6.12 4.54
CA VAL A 14 -0.39 -5.80 3.43
C VAL A 14 -1.14 -5.82 2.10
N CYS A 15 -1.01 -4.75 1.33
CA CYS A 15 -1.68 -4.66 0.03
C CYS A 15 -0.95 -5.48 -1.02
N ASP A 16 -1.16 -6.79 -0.99
CA ASP A 16 -0.54 -7.69 -1.95
C ASP A 16 -0.48 -7.06 -3.34
N TYR A 17 -1.49 -6.24 -3.65
CA TYR A 17 -1.56 -5.59 -4.94
C TYR A 17 -0.22 -4.95 -5.32
N CYS A 18 0.20 -3.96 -4.52
CA CYS A 18 1.46 -3.27 -4.77
C CYS A 18 2.55 -3.81 -3.84
N GLY A 19 2.21 -3.97 -2.57
CA GLY A 19 3.17 -4.47 -1.61
C GLY A 19 3.40 -3.52 -0.45
N LYS A 20 2.33 -2.84 -0.05
CA LYS A 20 2.41 -1.89 1.05
C LYS A 20 2.01 -2.55 2.38
N ALA A 21 2.28 -1.85 3.47
CA ALA A 21 1.94 -2.37 4.80
C ALA A 21 0.95 -1.46 5.51
N PHE A 22 0.15 -2.03 6.41
CA PHE A 22 -0.83 -1.26 7.16
C PHE A 22 -1.14 -1.93 8.50
N GLY A 23 -1.24 -1.12 9.54
CA GLY A 23 -1.53 -1.65 10.86
C GLY A 23 -2.99 -2.00 11.04
N LEU A 24 -3.87 -1.23 10.40
CA LEU A 24 -5.30 -1.46 10.49
C LEU A 24 -5.84 -2.03 9.18
N SER A 25 -7.11 -2.44 9.20
CA SER A 25 -7.74 -3.00 8.02
C SER A 25 -8.25 -1.89 7.10
N ALA A 26 -9.02 -0.97 7.66
CA ALA A 26 -9.56 0.15 6.89
C ALA A 26 -8.46 0.90 6.16
N GLU A 27 -7.35 1.13 6.85
CA GLU A 27 -6.22 1.85 6.27
C GLU A 27 -5.77 1.18 4.96
N LEU A 28 -5.77 -0.15 4.96
CA LEU A 28 -5.36 -0.90 3.78
C LEU A 28 -6.39 -0.75 2.65
N VAL A 29 -7.66 -0.95 2.99
CA VAL A 29 -8.73 -0.84 2.01
C VAL A 29 -8.77 0.57 1.40
N ARG A 30 -8.58 1.57 2.25
CA ARG A 30 -8.59 2.96 1.78
C ARG A 30 -7.39 3.26 0.89
N HIS A 31 -6.32 2.49 1.09
CA HIS A 31 -5.10 2.66 0.30
C HIS A 31 -5.30 2.13 -1.12
N GLN A 32 -5.82 0.91 -1.23
CA GLN A 32 -6.05 0.30 -2.52
C GLN A 32 -6.86 1.22 -3.43
N ARG A 33 -7.48 2.22 -2.83
CA ARG A 33 -8.28 3.18 -3.58
C ARG A 33 -7.49 3.76 -4.74
N ILE A 34 -6.20 4.01 -4.52
CA ILE A 34 -5.34 4.56 -5.55
C ILE A 34 -5.18 3.59 -6.72
N HIS A 35 -5.49 2.33 -6.48
CA HIS A 35 -5.39 1.31 -7.51
C HIS A 35 -6.63 1.28 -8.39
N THR A 36 -7.74 1.81 -7.85
CA THR A 36 -8.99 1.85 -8.59
C THR A 36 -9.30 3.26 -9.09
N GLY A 37 -9.22 3.45 -10.39
CA GLY A 37 -9.48 4.75 -10.98
C GLY A 37 -8.30 5.30 -11.74
N GLU A 38 -7.78 6.44 -11.28
CA GLU A 38 -6.64 7.07 -11.93
C GLU A 38 -5.36 6.83 -11.14
N LYS A 39 -4.23 7.23 -11.71
CA LYS A 39 -2.93 7.07 -11.06
C LYS A 39 -2.26 8.42 -10.83
N PRO A 40 -2.65 9.10 -9.74
CA PRO A 40 -2.09 10.41 -9.38
C PRO A 40 -0.63 10.32 -8.93
N SER A 41 -0.35 9.35 -8.07
CA SER A 41 1.01 9.15 -7.55
C SER A 41 1.31 7.66 -7.38
N GLY A 42 2.50 7.26 -7.79
CA GLY A 42 2.89 5.86 -7.66
C GLY A 42 3.49 5.55 -6.30
N PRO A 43 3.25 4.33 -5.80
CA PRO A 43 3.76 3.88 -4.51
C PRO A 43 5.27 3.68 -4.52
N SER A 44 5.97 4.48 -3.73
CA SER A 44 7.42 4.40 -3.65
C SER A 44 7.85 3.52 -2.47
N SER A 45 7.22 3.73 -1.32
CA SER A 45 7.54 2.98 -0.12
C SER A 45 6.96 1.56 -0.21
N GLY A 46 5.66 1.48 -0.47
CA GLY A 46 5.01 0.19 -0.58
C GLY A 46 3.59 0.29 -1.08
ZN ZN B . -1.48 -1.10 -2.88
N GLY A 1 21.90 0.42 3.20
CA GLY A 1 22.11 1.22 4.38
C GLY A 1 21.48 0.63 5.62
N SER A 2 21.19 1.46 6.60
CA SER A 2 20.58 1.01 7.85
C SER A 2 19.14 1.51 7.96
N SER A 3 18.21 0.73 7.46
CA SER A 3 16.80 1.09 7.49
C SER A 3 16.10 0.45 8.70
N GLY A 4 16.09 -0.88 8.72
CA GLY A 4 15.46 -1.59 9.82
C GLY A 4 15.08 -3.01 9.44
N SER A 5 16.08 -3.82 9.12
CA SER A 5 15.85 -5.21 8.74
C SER A 5 15.65 -6.09 9.97
N SER A 6 14.41 -6.39 10.29
CA SER A 6 14.09 -7.23 11.44
C SER A 6 12.83 -8.04 11.20
N GLY A 7 12.74 -9.19 11.85
CA GLY A 7 11.58 -10.05 11.69
C GLY A 7 10.48 -9.73 12.69
N SER A 8 10.21 -8.44 12.86
CA SER A 8 9.18 -8.00 13.80
C SER A 8 8.65 -6.61 13.41
N GLY A 9 7.48 -6.27 13.93
CA GLY A 9 6.90 -4.98 13.63
C GLY A 9 6.10 -4.98 12.34
N GLU A 10 6.57 -5.76 11.37
CA GLU A 10 5.89 -5.85 10.08
C GLU A 10 4.38 -5.80 10.25
N LYS A 11 3.74 -4.83 9.61
CA LYS A 11 2.30 -4.67 9.69
C LYS A 11 1.59 -5.91 9.15
N PRO A 12 0.46 -6.26 9.79
CA PRO A 12 -0.34 -7.43 9.40
C PRO A 12 -1.03 -7.23 8.05
N TYR A 13 -1.72 -6.09 7.90
CA TYR A 13 -2.43 -5.78 6.67
C TYR A 13 -1.46 -5.35 5.58
N VAL A 14 -1.33 -6.17 4.54
CA VAL A 14 -0.43 -5.88 3.43
C VAL A 14 -1.17 -5.96 2.10
N CYS A 15 -1.00 -4.95 1.27
CA CYS A 15 -1.65 -4.90 -0.03
C CYS A 15 -1.01 -5.90 -0.99
N ASP A 16 -1.75 -6.30 -2.01
CA ASP A 16 -1.25 -7.24 -3.00
C ASP A 16 -0.83 -6.52 -4.27
N TYR A 17 -1.56 -5.48 -4.64
CA TYR A 17 -1.26 -4.70 -5.83
C TYR A 17 0.20 -4.27 -5.85
N CYS A 18 0.55 -3.38 -4.92
CA CYS A 18 1.92 -2.88 -4.82
C CYS A 18 2.69 -3.63 -3.74
N GLY A 19 2.08 -3.78 -2.58
CA GLY A 19 2.73 -4.48 -1.48
C GLY A 19 2.92 -3.59 -0.26
N LYS A 20 2.13 -2.53 -0.17
CA LYS A 20 2.23 -1.60 0.95
C LYS A 20 1.72 -2.25 2.24
N ALA A 21 2.25 -1.80 3.36
CA ALA A 21 1.86 -2.33 4.67
C ALA A 21 1.07 -1.30 5.47
N PHE A 22 0.11 -1.78 6.26
CA PHE A 22 -0.71 -0.90 7.07
C PHE A 22 -1.03 -1.55 8.41
N GLY A 23 -1.05 -0.73 9.47
CA GLY A 23 -1.35 -1.25 10.80
C GLY A 23 -2.82 -1.14 11.13
N LEU A 24 -3.66 -1.14 10.12
CA LEU A 24 -5.10 -1.03 10.31
C LEU A 24 -5.86 -1.41 9.04
N SER A 25 -6.75 -2.39 9.15
CA SER A 25 -7.53 -2.85 8.01
C SER A 25 -8.06 -1.66 7.20
N ALA A 26 -8.73 -0.74 7.90
CA ALA A 26 -9.28 0.45 7.25
C ALA A 26 -8.27 1.09 6.31
N GLU A 27 -7.07 1.32 6.82
CA GLU A 27 -6.01 1.93 6.03
C GLU A 27 -5.74 1.13 4.76
N LEU A 28 -5.66 -0.19 4.90
CA LEU A 28 -5.43 -1.07 3.76
C LEU A 28 -6.55 -0.97 2.75
N VAL A 29 -7.78 -1.21 3.20
CA VAL A 29 -8.94 -1.14 2.33
C VAL A 29 -9.04 0.22 1.65
N ARG A 30 -8.69 1.27 2.38
CA ARG A 30 -8.74 2.62 1.85
C ARG A 30 -7.53 2.90 0.96
N HIS A 31 -6.48 2.11 1.15
CA HIS A 31 -5.25 2.28 0.37
C HIS A 31 -5.44 1.75 -1.05
N GLN A 32 -6.02 0.56 -1.16
CA GLN A 32 -6.26 -0.05 -2.47
C GLN A 32 -6.92 0.94 -3.43
N ARG A 33 -7.51 1.98 -2.87
CA ARG A 33 -8.17 3.00 -3.68
C ARG A 33 -7.20 3.62 -4.68
N ILE A 34 -5.98 3.88 -4.23
CA ILE A 34 -4.96 4.47 -5.08
C ILE A 34 -4.74 3.63 -6.33
N HIS A 35 -5.15 2.36 -6.27
CA HIS A 35 -4.99 1.45 -7.40
C HIS A 35 -6.20 1.53 -8.32
N THR A 36 -7.34 1.94 -7.76
CA THR A 36 -8.58 2.05 -8.54
C THR A 36 -8.98 3.51 -8.74
N GLY A 37 -8.76 4.02 -9.95
CA GLY A 37 -9.10 5.39 -10.24
C GLY A 37 -8.37 5.93 -11.45
N GLU A 38 -8.09 7.22 -11.45
CA GLU A 38 -7.39 7.85 -12.57
C GLU A 38 -6.21 8.67 -12.08
N LYS A 39 -5.28 8.97 -12.99
CA LYS A 39 -4.09 9.75 -12.64
C LYS A 39 -4.00 11.00 -13.50
N PRO A 40 -5.07 11.80 -13.49
CA PRO A 40 -5.14 13.04 -14.27
C PRO A 40 -4.21 14.12 -13.70
N SER A 41 -4.22 14.28 -12.38
CA SER A 41 -3.39 15.27 -11.72
C SER A 41 -2.00 14.69 -11.41
N GLY A 42 -1.95 13.82 -10.42
CA GLY A 42 -0.69 13.20 -10.04
C GLY A 42 -0.85 11.75 -9.63
N PRO A 43 0.18 10.94 -9.93
CA PRO A 43 0.17 9.51 -9.60
C PRO A 43 0.29 9.26 -8.10
N SER A 44 -0.78 8.74 -7.50
CA SER A 44 -0.80 8.46 -6.08
C SER A 44 0.44 7.66 -5.66
N SER A 45 1.39 8.34 -5.04
CA SER A 45 2.62 7.71 -4.59
C SER A 45 2.33 6.63 -3.54
N GLY A 46 3.17 5.61 -3.50
CA GLY A 46 2.98 4.54 -2.54
C GLY A 46 1.52 4.17 -2.34
ZN ZN B . -1.17 -1.19 -2.87
N GLY A 1 22.67 1.39 -2.49
CA GLY A 1 22.62 0.62 -1.26
C GLY A 1 21.64 1.18 -0.25
N SER A 2 22.01 1.17 1.02
CA SER A 2 21.15 1.68 2.08
C SER A 2 20.79 3.14 1.82
N SER A 3 19.54 3.49 2.12
CA SER A 3 19.06 4.85 1.92
C SER A 3 19.53 5.77 3.05
N GLY A 4 19.27 5.37 4.29
CA GLY A 4 19.68 6.16 5.43
C GLY A 4 18.98 5.74 6.71
N SER A 5 17.97 6.51 7.11
CA SER A 5 17.23 6.21 8.34
C SER A 5 16.31 5.01 8.13
N SER A 6 16.78 3.83 8.53
CA SER A 6 16.02 2.60 8.39
C SER A 6 14.86 2.57 9.39
N GLY A 7 13.70 3.03 8.95
CA GLY A 7 12.54 3.04 9.82
C GLY A 7 11.39 2.22 9.27
N SER A 8 11.66 0.96 8.97
CA SER A 8 10.64 0.06 8.42
C SER A 8 10.27 -1.01 9.43
N GLY A 9 8.96 -1.21 9.61
CA GLY A 9 8.49 -2.21 10.54
C GLY A 9 7.81 -3.39 9.85
N GLU A 10 6.60 -3.71 10.29
CA GLU A 10 5.85 -4.81 9.71
C GLU A 10 4.39 -4.78 10.17
N LYS A 11 3.50 -5.20 9.29
CA LYS A 11 2.06 -5.22 9.59
C LYS A 11 1.37 -6.39 8.89
N PRO A 12 0.31 -6.91 9.53
CA PRO A 12 -0.45 -8.04 8.98
C PRO A 12 -1.26 -7.64 7.75
N TYR A 13 -1.53 -6.35 7.62
CA TYR A 13 -2.30 -5.85 6.50
C TYR A 13 -1.39 -5.27 5.43
N VAL A 14 -0.93 -6.13 4.52
CA VAL A 14 -0.04 -5.72 3.44
C VAL A 14 -0.75 -5.78 2.09
N CYS A 15 -0.92 -4.62 1.47
CA CYS A 15 -1.57 -4.54 0.17
C CYS A 15 -1.06 -5.64 -0.77
N ASP A 16 -1.91 -6.03 -1.72
CA ASP A 16 -1.54 -7.06 -2.68
C ASP A 16 -1.29 -6.46 -4.06
N TYR A 17 -1.95 -5.34 -4.34
CA TYR A 17 -1.80 -4.67 -5.63
C TYR A 17 -0.35 -4.23 -5.85
N CYS A 18 0.20 -3.53 -4.86
CA CYS A 18 1.57 -3.04 -4.95
C CYS A 18 2.43 -3.67 -3.84
N GLY A 19 1.88 -3.72 -2.64
CA GLY A 19 2.60 -4.29 -1.52
C GLY A 19 3.07 -3.23 -0.52
N LYS A 20 2.19 -2.88 0.40
CA LYS A 20 2.50 -1.87 1.42
C LYS A 20 1.91 -2.25 2.77
N ALA A 21 2.72 -2.17 3.81
CA ALA A 21 2.28 -2.50 5.16
C ALA A 21 1.52 -1.33 5.78
N PHE A 22 0.49 -1.64 6.56
CA PHE A 22 -0.32 -0.62 7.23
C PHE A 22 -0.54 -0.97 8.70
N GLY A 23 -1.40 -1.95 8.94
CA GLY A 23 -1.68 -2.36 10.30
C GLY A 23 -3.17 -2.33 10.61
N LEU A 24 -3.89 -1.42 9.96
CA LEU A 24 -5.32 -1.28 10.18
C LEU A 24 -6.10 -1.53 8.89
N SER A 25 -6.83 -2.64 8.85
CA SER A 25 -7.61 -2.99 7.67
C SER A 25 -8.17 -1.75 7.00
N ALA A 26 -8.83 -0.90 7.77
CA ALA A 26 -9.41 0.33 7.24
C ALA A 26 -8.39 1.10 6.41
N GLU A 27 -7.28 1.48 7.02
CA GLU A 27 -6.24 2.22 6.33
C GLU A 27 -5.87 1.53 5.01
N LEU A 28 -5.63 0.23 5.08
CA LEU A 28 -5.27 -0.55 3.90
C LEU A 28 -6.32 -0.39 2.80
N VAL A 29 -7.59 -0.51 3.18
CA VAL A 29 -8.69 -0.38 2.23
C VAL A 29 -8.60 0.94 1.48
N ARG A 30 -8.54 2.04 2.22
CA ARG A 30 -8.46 3.37 1.62
C ARG A 30 -7.28 3.46 0.66
N HIS A 31 -6.32 2.55 0.82
CA HIS A 31 -5.14 2.52 -0.04
C HIS A 31 -5.38 1.67 -1.29
N GLN A 32 -5.76 0.42 -1.07
CA GLN A 32 -6.03 -0.49 -2.18
C GLN A 32 -6.89 0.17 -3.24
N ARG A 33 -7.64 1.20 -2.84
CA ARG A 33 -8.49 1.92 -3.76
C ARG A 33 -7.68 2.83 -4.68
N ILE A 34 -6.62 3.42 -4.13
CA ILE A 34 -5.76 4.30 -4.90
C ILE A 34 -5.34 3.66 -6.22
N HIS A 35 -5.29 2.33 -6.23
CA HIS A 35 -4.90 1.59 -7.42
C HIS A 35 -6.01 1.64 -8.48
N THR A 36 -7.25 1.76 -8.01
CA THR A 36 -8.40 1.81 -8.91
C THR A 36 -9.38 2.90 -8.48
N GLY A 37 -9.45 3.96 -9.27
CA GLY A 37 -10.35 5.06 -8.95
C GLY A 37 -9.64 6.39 -8.84
N GLU A 38 -9.29 6.97 -9.98
CA GLU A 38 -8.59 8.25 -10.01
C GLU A 38 -9.57 9.41 -10.16
N LYS A 39 -9.21 10.56 -9.61
CA LYS A 39 -10.06 11.74 -9.68
C LYS A 39 -9.81 12.51 -10.97
N PRO A 40 -10.89 13.09 -11.53
CA PRO A 40 -10.81 13.87 -12.77
C PRO A 40 -10.07 15.19 -12.59
N SER A 41 -8.75 15.16 -12.78
CA SER A 41 -7.94 16.35 -12.63
C SER A 41 -8.31 17.40 -13.67
N GLY A 42 -8.20 18.67 -13.29
CA GLY A 42 -8.52 19.75 -14.20
C GLY A 42 -9.97 20.20 -14.07
N PRO A 43 -10.27 21.40 -14.59
CA PRO A 43 -11.63 21.96 -14.54
C PRO A 43 -12.59 21.22 -15.46
N SER A 44 -12.09 20.18 -16.11
CA SER A 44 -12.91 19.38 -17.02
C SER A 44 -14.35 19.31 -16.53
N SER A 45 -15.29 19.64 -17.43
CA SER A 45 -16.71 19.60 -17.08
C SER A 45 -17.24 18.17 -17.09
N GLY A 46 -17.40 17.62 -15.88
CA GLY A 46 -17.90 16.26 -15.77
C GLY A 46 -17.82 15.73 -14.35
ZN ZN B . -1.14 -0.94 -2.83
N GLY A 1 17.29 6.57 4.11
CA GLY A 1 16.90 6.23 5.47
C GLY A 1 15.73 5.27 5.52
N SER A 2 15.96 4.04 5.09
CA SER A 2 14.91 3.02 5.09
C SER A 2 15.39 1.75 5.77
N SER A 3 14.66 1.34 6.81
CA SER A 3 15.02 0.14 7.55
C SER A 3 13.91 -0.22 8.55
N GLY A 4 13.97 -1.44 9.08
CA GLY A 4 12.98 -1.88 10.04
C GLY A 4 13.30 -1.44 11.45
N SER A 5 13.87 -0.24 11.58
CA SER A 5 14.23 0.29 12.89
C SER A 5 13.09 0.11 13.89
N SER A 6 11.89 0.53 13.49
CA SER A 6 10.72 0.43 14.35
C SER A 6 10.61 -0.97 14.94
N GLY A 7 10.18 -1.05 16.20
CA GLY A 7 10.03 -2.33 16.86
C GLY A 7 8.98 -3.20 16.20
N SER A 8 7.72 -2.89 16.45
CA SER A 8 6.61 -3.66 15.88
C SER A 8 6.59 -3.52 14.37
N GLY A 9 6.66 -4.65 13.67
CA GLY A 9 6.65 -4.64 12.22
C GLY A 9 5.86 -5.80 11.64
N GLU A 10 6.10 -6.10 10.36
CA GLU A 10 5.42 -7.19 9.70
C GLU A 10 3.91 -7.07 9.87
N LYS A 11 3.37 -5.88 9.60
CA LYS A 11 1.94 -5.63 9.74
C LYS A 11 1.13 -6.74 9.06
N PRO A 12 -0.01 -7.08 9.66
CA PRO A 12 -0.89 -8.12 9.12
C PRO A 12 -1.59 -7.69 7.84
N TYR A 13 -1.96 -6.42 7.77
CA TYR A 13 -2.63 -5.88 6.59
C TYR A 13 -1.64 -5.25 5.63
N VAL A 14 -1.24 -6.03 4.63
CA VAL A 14 -0.29 -5.55 3.63
C VAL A 14 -0.84 -5.72 2.21
N CYS A 15 -0.95 -4.61 1.50
CA CYS A 15 -1.47 -4.62 0.13
C CYS A 15 -0.60 -5.50 -0.77
N ASP A 16 -1.24 -6.33 -1.58
CA ASP A 16 -0.53 -7.23 -2.48
C ASP A 16 -0.29 -6.55 -3.83
N TYR A 17 -1.23 -5.71 -4.23
CA TYR A 17 -1.13 -5.00 -5.50
C TYR A 17 0.23 -4.34 -5.66
N CYS A 18 0.58 -3.49 -4.70
CA CYS A 18 1.86 -2.78 -4.72
C CYS A 18 2.85 -3.43 -3.75
N GLY A 19 2.39 -3.69 -2.53
CA GLY A 19 3.25 -4.30 -1.53
C GLY A 19 3.50 -3.40 -0.34
N LYS A 20 2.46 -2.67 0.07
CA LYS A 20 2.57 -1.76 1.21
C LYS A 20 2.06 -2.42 2.48
N ALA A 21 2.66 -2.06 3.61
CA ALA A 21 2.26 -2.61 4.90
C ALA A 21 1.33 -1.67 5.64
N PHE A 22 0.34 -2.22 6.32
CA PHE A 22 -0.63 -1.43 7.07
C PHE A 22 -1.04 -2.14 8.35
N GLY A 23 -1.10 -1.39 9.45
CA GLY A 23 -1.49 -1.97 10.72
C GLY A 23 -3.00 -2.00 10.91
N LEU A 24 -3.69 -1.08 10.27
CA LEU A 24 -5.15 -1.01 10.36
C LEU A 24 -5.80 -1.48 9.07
N SER A 25 -6.75 -2.40 9.19
CA SER A 25 -7.45 -2.93 8.04
C SER A 25 -7.98 -1.80 7.16
N ALA A 26 -8.71 -0.88 7.77
CA ALA A 26 -9.28 0.25 7.04
C ALA A 26 -8.21 0.99 6.26
N GLU A 27 -7.05 1.20 6.89
CA GLU A 27 -5.94 1.90 6.26
C GLU A 27 -5.55 1.22 4.96
N LEU A 28 -5.63 -0.11 4.94
CA LEU A 28 -5.27 -0.89 3.76
C LEU A 28 -6.35 -0.76 2.68
N VAL A 29 -7.61 -0.91 3.08
CA VAL A 29 -8.72 -0.81 2.15
C VAL A 29 -8.76 0.57 1.49
N ARG A 30 -8.72 1.61 2.32
CA ARG A 30 -8.74 2.98 1.81
C ARG A 30 -7.58 3.24 0.87
N HIS A 31 -6.48 2.53 1.09
CA HIS A 31 -5.29 2.68 0.26
C HIS A 31 -5.50 2.08 -1.12
N GLN A 32 -6.01 0.85 -1.15
CA GLN A 32 -6.26 0.16 -2.41
C GLN A 32 -7.05 1.05 -3.37
N ARG A 33 -7.66 2.09 -2.83
CA ARG A 33 -8.45 3.02 -3.64
C ARG A 33 -7.63 3.54 -4.81
N ILE A 34 -6.33 3.76 -4.57
CA ILE A 34 -5.43 4.27 -5.60
C ILE A 34 -5.27 3.26 -6.73
N HIS A 35 -5.63 2.00 -6.46
CA HIS A 35 -5.53 0.94 -7.45
C HIS A 35 -6.81 0.84 -8.26
N THR A 36 -7.80 1.64 -7.91
CA THR A 36 -9.08 1.64 -8.61
C THR A 36 -9.48 3.04 -9.04
N GLY A 37 -9.84 3.20 -10.31
CA GLY A 37 -10.25 4.50 -10.81
C GLY A 37 -9.14 5.18 -11.60
N GLU A 38 -8.19 5.77 -10.89
CA GLU A 38 -7.07 6.46 -11.53
C GLU A 38 -6.33 5.53 -12.49
N LYS A 39 -6.11 6.00 -13.71
CA LYS A 39 -5.42 5.20 -14.72
C LYS A 39 -4.33 6.03 -15.40
N PRO A 40 -3.21 5.37 -15.74
CA PRO A 40 -2.07 6.02 -16.39
C PRO A 40 -2.38 6.42 -17.83
N SER A 41 -3.36 5.75 -18.43
CA SER A 41 -3.76 6.02 -19.80
C SER A 41 -5.10 5.38 -20.13
N GLY A 42 -5.55 5.54 -21.37
CA GLY A 42 -6.82 4.97 -21.78
C GLY A 42 -6.79 3.45 -21.82
N PRO A 43 -7.97 2.83 -21.93
CA PRO A 43 -8.10 1.38 -21.98
C PRO A 43 -7.57 0.79 -23.28
N SER A 44 -6.38 0.19 -23.22
CA SER A 44 -5.76 -0.41 -24.39
C SER A 44 -6.71 -1.40 -25.06
N SER A 45 -7.14 -2.40 -24.30
CA SER A 45 -8.05 -3.42 -24.82
C SER A 45 -9.44 -2.83 -25.07
N GLY A 46 -9.73 -2.52 -26.33
CA GLY A 46 -11.03 -1.96 -26.68
C GLY A 46 -10.91 -0.58 -27.29
ZN ZN B . -1.45 -0.94 -2.85
N GLY A 1 28.93 -2.16 8.06
CA GLY A 1 28.18 -1.06 8.64
C GLY A 1 26.82 -1.49 9.17
N SER A 2 25.82 -1.48 8.29
CA SER A 2 24.47 -1.87 8.67
C SER A 2 24.45 -3.28 9.22
N SER A 3 23.51 -3.55 10.12
CA SER A 3 23.38 -4.87 10.73
C SER A 3 21.93 -5.32 10.74
N GLY A 4 21.23 -5.08 9.64
CA GLY A 4 19.84 -5.46 9.53
C GLY A 4 18.92 -4.58 10.36
N SER A 5 17.98 -3.91 9.70
CA SER A 5 17.06 -3.02 10.39
C SER A 5 16.32 -3.76 11.50
N SER A 6 16.49 -3.29 12.73
CA SER A 6 15.85 -3.91 13.88
C SER A 6 14.39 -3.46 14.00
N GLY A 7 14.17 -2.16 13.83
CA GLY A 7 12.82 -1.63 13.92
C GLY A 7 12.03 -1.85 12.65
N SER A 8 11.64 -3.09 12.40
CA SER A 8 10.87 -3.43 11.20
C SER A 8 9.37 -3.39 11.49
N GLY A 9 8.64 -2.65 10.67
CA GLY A 9 7.20 -2.54 10.84
C GLY A 9 6.43 -3.53 10.00
N GLU A 10 6.47 -4.80 10.39
CA GLU A 10 5.77 -5.85 9.65
C GLU A 10 4.30 -5.88 10.02
N LYS A 11 3.49 -5.13 9.27
CA LYS A 11 2.06 -5.06 9.52
C LYS A 11 1.35 -6.30 8.95
N PRO A 12 0.23 -6.68 9.58
CA PRO A 12 -0.56 -7.84 9.14
C PRO A 12 -1.25 -7.61 7.81
N TYR A 13 -1.71 -6.38 7.59
CA TYR A 13 -2.39 -6.03 6.36
C TYR A 13 -1.41 -5.55 5.29
N VAL A 14 -1.16 -6.39 4.30
CA VAL A 14 -0.23 -6.05 3.23
C VAL A 14 -0.95 -6.00 1.88
N CYS A 15 -0.85 -4.86 1.21
CA CYS A 15 -1.48 -4.69 -0.10
C CYS A 15 -0.72 -5.45 -1.18
N ASP A 16 -0.99 -6.75 -1.28
CA ASP A 16 -0.33 -7.59 -2.28
C ASP A 16 -0.24 -6.89 -3.62
N TYR A 17 -1.16 -5.95 -3.86
CA TYR A 17 -1.19 -5.20 -5.11
C TYR A 17 0.18 -4.59 -5.40
N CYS A 18 0.59 -3.65 -4.56
CA CYS A 18 1.89 -3.00 -4.73
C CYS A 18 2.91 -3.53 -3.73
N GLY A 19 2.48 -3.74 -2.49
CA GLY A 19 3.36 -4.25 -1.46
C GLY A 19 3.49 -3.31 -0.29
N LYS A 20 2.40 -2.64 0.06
CA LYS A 20 2.38 -1.72 1.18
C LYS A 20 1.92 -2.41 2.47
N ALA A 21 2.31 -1.85 3.60
CA ALA A 21 1.93 -2.41 4.90
C ALA A 21 1.02 -1.46 5.66
N PHE A 22 0.11 -2.03 6.45
CA PHE A 22 -0.83 -1.24 7.22
C PHE A 22 -1.25 -1.97 8.49
N GLY A 23 -1.20 -1.28 9.62
CA GLY A 23 -1.57 -1.89 10.88
C GLY A 23 -3.07 -2.08 11.01
N LEU A 24 -3.83 -1.11 10.54
CA LEU A 24 -5.29 -1.18 10.60
C LEU A 24 -5.88 -1.58 9.25
N SER A 25 -6.89 -2.43 9.28
CA SER A 25 -7.54 -2.89 8.06
C SER A 25 -8.05 -1.72 7.24
N ALA A 26 -8.86 -0.87 7.87
CA ALA A 26 -9.41 0.29 7.19
C ALA A 26 -8.35 1.01 6.37
N GLU A 27 -7.18 1.21 6.98
CA GLU A 27 -6.08 1.89 6.30
C GLU A 27 -5.78 1.24 4.96
N LEU A 28 -5.78 -0.09 4.94
CA LEU A 28 -5.51 -0.83 3.71
C LEU A 28 -6.58 -0.56 2.65
N VAL A 29 -7.83 -0.47 3.10
CA VAL A 29 -8.94 -0.22 2.21
C VAL A 29 -8.79 1.15 1.53
N ARG A 30 -8.66 2.19 2.32
CA ARG A 30 -8.52 3.55 1.80
C ARG A 30 -7.26 3.66 0.94
N HIS A 31 -6.40 2.64 1.02
CA HIS A 31 -5.16 2.63 0.25
C HIS A 31 -5.35 1.93 -1.09
N GLN A 32 -5.71 0.65 -1.03
CA GLN A 32 -5.92 -0.13 -2.25
C GLN A 32 -6.73 0.66 -3.28
N ARG A 33 -7.67 1.47 -2.79
CA ARG A 33 -8.50 2.29 -3.67
C ARG A 33 -7.66 2.98 -4.72
N ILE A 34 -6.49 3.47 -4.32
CA ILE A 34 -5.59 4.15 -5.23
C ILE A 34 -5.41 3.38 -6.52
N HIS A 35 -5.40 2.05 -6.41
CA HIS A 35 -5.23 1.18 -7.57
C HIS A 35 -6.55 1.05 -8.33
N THR A 36 -7.65 1.28 -7.65
CA THR A 36 -8.98 1.18 -8.26
C THR A 36 -9.84 2.37 -7.89
N GLY A 37 -10.00 3.31 -8.82
CA GLY A 37 -10.80 4.48 -8.57
C GLY A 37 -11.03 5.31 -9.82
N GLU A 38 -9.96 5.60 -10.55
CA GLU A 38 -10.05 6.38 -11.77
C GLU A 38 -10.04 5.48 -13.00
N LYS A 39 -10.95 5.74 -13.92
CA LYS A 39 -11.05 4.95 -15.15
C LYS A 39 -9.72 4.94 -15.89
N PRO A 40 -9.27 3.74 -16.28
CA PRO A 40 -8.01 3.56 -17.01
C PRO A 40 -8.07 4.11 -18.43
N SER A 41 -7.35 5.20 -18.68
CA SER A 41 -7.33 5.82 -20.00
C SER A 41 -6.10 5.40 -20.78
N GLY A 42 -6.13 4.19 -21.33
CA GLY A 42 -5.01 3.69 -22.11
C GLY A 42 -4.90 4.34 -23.47
N PRO A 43 -3.66 4.45 -23.97
CA PRO A 43 -3.39 5.06 -25.28
C PRO A 43 -3.90 4.21 -26.44
N SER A 44 -3.66 2.90 -26.34
CA SER A 44 -4.09 1.97 -27.38
C SER A 44 -5.41 2.42 -28.00
N SER A 45 -6.46 2.44 -27.18
CA SER A 45 -7.78 2.85 -27.66
C SER A 45 -7.75 4.28 -28.19
N GLY A 46 -7.58 4.41 -29.50
CA GLY A 46 -7.53 5.73 -30.12
C GLY A 46 -6.19 6.41 -29.93
ZN ZN B . -1.21 -0.89 -2.79
#